data_2QAF
#
_entry.id   2QAF
#
_cell.length_a   80.920
_cell.length_b   83.849
_cell.length_c   89.869
_cell.angle_alpha   90.00
_cell.angle_beta   90.00
_cell.angle_gamma   90.00
#
_symmetry.space_group_name_H-M   'P 21 21 2'
#
loop_
_entity.id
_entity.type
_entity.pdbx_description
1 polymer "Orotidine 5' monophosphate decarboxylase"
2 non-polymer "URIDINE-5'-MONOPHOSPHATE"
3 non-polymer 'SULFATE ION'
4 water water
#
_entity_poly.entity_id   1
_entity_poly.type   'polypeptide(L)'
_entity_poly.pdbx_seq_one_letter_code
;MGSSHHHHHHSSGLVPRGSMGFKVKLEKRRNAINTCLCIGLDPDEKDIENFMKNEKENNYNNIKKNLKEKYINNVSIKKD
ILLKAPDNIIREEKSEEFFYFFNHFCFYIINETNKYALTFKMNFAFYIPYGSVGIDVLKNVFDYLYELNIPTILDMKIND
IGNTVKNYRKFIFEYLKSDSCTVNIYMGTNMLKDICYDEEKNKYYSAFVLVKTTNPDSAIFQKNLSLDNKQAYVIMAQEA
LNMSSYLNLEQNNEFIGFVVGANSYDEMNYIRTYFPNCYILSPGIGAQNGDLHKTLTNGYHKSYEKILINIGRAITKNPY
PQKAAQMYYDQINAILKQNMES
;
_entity_poly.pdbx_strand_id   A,B
#
loop_
_chem_comp.id
_chem_comp.type
_chem_comp.name
_chem_comp.formula
SO4 non-polymer 'SULFATE ION' 'O4 S -2'
U5P non-polymer URIDINE-5'-MONOPHOSPHATE 'C9 H13 N2 O9 P'
#
# COMPACT_ATOMS: atom_id res chain seq x y z
N GLY A 13 -34.03 3.76 20.92
CA GLY A 13 -32.73 3.03 21.03
C GLY A 13 -32.13 2.54 19.74
N LEU A 14 -32.60 3.06 18.60
CA LEU A 14 -32.17 2.58 17.28
C LEU A 14 -31.18 3.51 16.58
N VAL A 15 -30.06 2.94 16.12
CA VAL A 15 -29.08 3.67 15.32
C VAL A 15 -29.17 3.29 13.84
N PRO A 16 -29.23 4.29 12.94
CA PRO A 16 -29.23 4.02 11.51
C PRO A 16 -27.89 3.51 10.98
N ARG A 17 -27.91 2.80 9.86
CA ARG A 17 -26.68 2.22 9.34
C ARG A 17 -25.71 3.36 9.00
N GLY A 18 -24.42 3.09 9.21
CA GLY A 18 -23.35 4.06 9.09
C GLY A 18 -23.14 4.90 10.34
N SER A 19 -24.11 4.94 11.24
CA SER A 19 -24.03 5.82 12.40
C SER A 19 -23.69 5.08 13.71
N MET A 20 -22.64 4.26 13.66
CA MET A 20 -22.13 3.57 14.84
C MET A 20 -20.69 3.10 14.62
N GLY A 21 -19.96 2.86 15.71
CA GLY A 21 -18.58 2.38 15.60
C GLY A 21 -18.49 0.93 15.18
N PHE A 22 -17.33 0.52 14.65
CA PHE A 22 -17.11 -0.83 14.14
C PHE A 22 -17.40 -1.92 15.17
N LYS A 23 -17.05 -1.66 16.42
CA LYS A 23 -17.27 -2.64 17.47
C LYS A 23 -18.76 -3.06 17.55
N VAL A 24 -19.65 -2.07 17.45
CA VAL A 24 -21.12 -2.24 17.56
C VAL A 24 -21.70 -2.86 16.29
N LYS A 25 -21.21 -2.39 15.15
CA LYS A 25 -21.59 -2.92 13.86
C LYS A 25 -21.21 -4.40 13.75
N LEU A 26 -20.01 -4.78 14.18
CA LEU A 26 -19.61 -6.18 14.16
C LEU A 26 -20.46 -7.05 15.08
N GLU A 27 -20.69 -6.57 16.30
CA GLU A 27 -21.50 -7.26 17.30
C GLU A 27 -22.93 -7.49 16.79
N LYS A 28 -23.53 -6.48 16.17
CA LYS A 28 -24.90 -6.65 15.67
C LYS A 28 -24.96 -7.69 14.55
N ARG A 29 -24.01 -7.63 13.63
CA ARG A 29 -23.97 -8.58 12.51
C ARG A 29 -23.77 -10.02 13.00
N ARG A 30 -22.89 -10.22 13.97
CA ARG A 30 -22.62 -11.55 14.51
C ARG A 30 -23.87 -12.09 15.19
N ASN A 31 -24.56 -11.25 15.96
CA ASN A 31 -25.82 -11.64 16.57
C ASN A 31 -26.90 -12.05 15.57
N ALA A 32 -26.92 -11.36 14.43
CA ALA A 32 -27.87 -11.64 13.37
C ALA A 32 -27.59 -12.96 12.63
N ILE A 33 -26.32 -13.19 12.33
CA ILE A 33 -25.92 -14.15 11.31
C ILE A 33 -25.23 -15.39 11.87
N ASN A 34 -24.75 -15.26 13.10
CA ASN A 34 -24.18 -16.34 13.91
C ASN A 34 -22.98 -17.03 13.27
N THR A 35 -22.00 -16.23 12.90
CA THR A 35 -20.75 -16.75 12.34
C THR A 35 -19.59 -15.77 12.51
N CYS A 36 -18.40 -16.26 12.15
CA CYS A 36 -17.23 -15.40 12.16
C CYS A 36 -16.46 -15.53 10.86
N LEU A 37 -17.14 -16.02 9.83
CA LEU A 37 -16.58 -16.06 8.48
C LEU A 37 -16.35 -14.66 7.93
N CYS A 38 -15.10 -14.41 7.55
CA CYS A 38 -14.75 -13.20 6.83
C CYS A 38 -14.45 -13.65 5.39
N ILE A 39 -15.17 -13.13 4.42
CA ILE A 39 -14.96 -13.57 3.04
C ILE A 39 -14.01 -12.58 2.38
N GLY A 40 -12.91 -13.10 1.86
CA GLY A 40 -11.91 -12.31 1.16
C GLY A 40 -12.23 -12.17 -0.31
N LEU A 41 -12.14 -10.95 -0.82
CA LEU A 41 -12.39 -10.70 -2.24
C LEU A 41 -11.10 -10.14 -2.84
N ASP A 42 -10.31 -11.03 -3.40
CA ASP A 42 -8.99 -10.79 -4.00
C ASP A 42 -9.02 -11.36 -5.44
N PRO A 43 -9.68 -10.65 -6.36
CA PRO A 43 -9.86 -11.17 -7.72
C PRO A 43 -8.59 -11.00 -8.52
N ASP A 44 -8.02 -12.10 -9.00
CA ASP A 44 -6.83 -11.98 -9.85
C ASP A 44 -7.23 -11.91 -11.33
N GLU A 45 -6.27 -11.67 -12.20
CA GLU A 45 -6.58 -11.48 -13.61
C GLU A 45 -7.27 -12.70 -14.20
N LYS A 46 -6.83 -13.90 -13.83
CA LYS A 46 -7.46 -15.15 -14.27
C LYS A 46 -8.93 -15.27 -13.86
N ASP A 47 -9.22 -14.92 -12.60
CA ASP A 47 -10.58 -14.85 -12.14
C ASP A 47 -11.46 -13.97 -13.03
N ILE A 48 -11.00 -12.75 -13.33
CA ILE A 48 -11.82 -11.79 -14.08
C ILE A 48 -12.07 -12.32 -15.51
N GLU A 49 -10.99 -12.78 -16.14
CA GLU A 49 -11.03 -13.38 -17.48
C GLU A 49 -11.96 -14.58 -17.54
N ASN A 50 -11.84 -15.47 -16.57
CA ASN A 50 -12.71 -16.62 -16.45
C ASN A 50 -14.18 -16.20 -16.32
N PHE A 51 -14.46 -15.16 -15.50
CA PHE A 51 -15.83 -14.69 -15.31
C PHE A 51 -16.41 -14.21 -16.65
N MET A 52 -15.62 -13.40 -17.35
CA MET A 52 -16.01 -12.87 -18.66
C MET A 52 -16.28 -13.99 -19.66
N LYS A 53 -15.38 -14.97 -19.72
CA LYS A 53 -15.57 -16.12 -20.59
C LYS A 53 -16.84 -16.89 -20.24
N ASN A 54 -17.08 -17.18 -18.96
CA ASN A 54 -18.27 -17.89 -18.54
C ASN A 54 -19.55 -17.11 -18.83
N GLU A 55 -19.53 -15.82 -18.56
CA GLU A 55 -20.70 -14.98 -18.85
C GLU A 55 -21.01 -14.94 -20.35
N LYS A 56 -19.97 -14.82 -21.19
CA LYS A 56 -20.13 -14.81 -22.63
C LYS A 56 -20.75 -16.09 -23.16
N GLU A 57 -20.47 -17.19 -22.49
CA GLU A 57 -20.92 -18.51 -22.90
C GLU A 57 -22.34 -18.80 -22.44
N ASN A 58 -22.83 -18.07 -21.43
CA ASN A 58 -24.15 -18.33 -20.89
C ASN A 58 -25.09 -17.14 -20.91
N ASN A 59 -24.92 -16.29 -21.92
CA ASN A 59 -25.72 -15.08 -22.09
C ASN A 59 -25.82 -14.29 -20.79
N TYR A 60 -24.69 -14.18 -20.08
CA TYR A 60 -24.54 -13.22 -18.98
C TYR A 60 -25.56 -13.38 -17.87
N ASN A 61 -25.91 -14.63 -17.52
N ASN A 61 -25.93 -14.62 -17.51
CA ASN A 61 -26.96 -14.84 -16.51
CA ASN A 61 -26.97 -14.81 -16.50
C ASN A 61 -26.62 -14.23 -15.15
C ASN A 61 -26.61 -14.12 -15.18
N ASN A 62 -25.36 -14.27 -14.75
CA ASN A 62 -24.93 -13.65 -13.48
C ASN A 62 -24.92 -12.12 -13.51
N ILE A 63 -24.49 -11.56 -14.62
CA ILE A 63 -24.56 -10.11 -14.77
C ILE A 63 -26.01 -9.62 -14.72
N LYS A 64 -26.93 -10.32 -15.38
CA LYS A 64 -28.35 -9.93 -15.37
C LYS A 64 -28.91 -9.97 -13.95
N LYS A 65 -28.50 -10.98 -13.20
CA LYS A 65 -28.83 -11.04 -11.77
C LYS A 65 -28.25 -9.87 -10.97
N ASN A 66 -26.98 -9.54 -11.15
CA ASN A 66 -26.42 -8.33 -10.50
C ASN A 66 -27.29 -7.09 -10.82
N LEU A 67 -27.68 -6.96 -12.09
CA LEU A 67 -28.41 -5.78 -12.55
C LEU A 67 -29.79 -5.62 -11.94
N LYS A 68 -30.27 -6.69 -11.30
CA LYS A 68 -31.56 -6.70 -10.66
C LYS A 68 -31.50 -6.10 -9.25
N GLU A 69 -30.30 -6.06 -8.68
CA GLU A 69 -30.14 -5.65 -7.28
C GLU A 69 -30.24 -4.14 -7.19
N LYS A 70 -31.01 -3.66 -6.22
CA LYS A 70 -31.33 -2.23 -6.18
C LYS A 70 -30.12 -1.37 -5.89
N TYR A 71 -29.23 -1.82 -5.02
CA TYR A 71 -28.11 -1.00 -4.57
C TYR A 71 -27.04 -0.74 -5.61
N ILE A 72 -27.09 -1.49 -6.71
CA ILE A 72 -26.25 -1.19 -7.86
C ILE A 72 -26.50 0.24 -8.36
N ASN A 73 -27.69 0.77 -8.11
CA ASN A 73 -28.00 2.17 -8.47
C ASN A 73 -27.36 3.22 -7.57
N ASN A 74 -26.69 2.75 -6.52
CA ASN A 74 -26.15 3.64 -5.50
C ASN A 74 -24.63 3.66 -5.47
N VAL A 75 -23.99 3.05 -6.46
CA VAL A 75 -22.54 3.09 -6.55
C VAL A 75 -22.04 4.38 -7.21
N SER A 76 -20.82 4.79 -6.90
CA SER A 76 -20.30 6.10 -7.29
C SER A 76 -19.84 6.24 -8.72
N ILE A 77 -19.16 5.21 -9.23
CA ILE A 77 -18.34 5.40 -10.43
C ILE A 77 -18.89 4.72 -11.68
N LYS A 78 -19.04 5.50 -12.75
CA LYS A 78 -19.48 4.98 -14.05
C LYS A 78 -20.69 4.06 -13.94
N LYS A 79 -21.66 4.45 -13.13
CA LYS A 79 -22.92 3.71 -13.12
C LYS A 79 -23.48 3.56 -14.52
N ASP A 80 -23.34 4.60 -15.36
CA ASP A 80 -23.82 4.57 -16.75
C ASP A 80 -23.29 3.34 -17.50
N ILE A 81 -22.01 3.06 -17.29
CA ILE A 81 -21.41 1.88 -17.87
C ILE A 81 -21.89 0.58 -17.22
N LEU A 82 -21.84 0.50 -15.88
CA LEU A 82 -22.14 -0.74 -15.17
C LEU A 82 -23.54 -1.26 -15.43
N LEU A 83 -24.48 -0.36 -15.67
CA LEU A 83 -25.89 -0.69 -15.93
C LEU A 83 -26.27 -1.03 -17.37
N LYS A 84 -25.34 -0.83 -18.30
CA LYS A 84 -25.52 -1.29 -19.66
C LYS A 84 -25.74 -2.80 -19.80
N ALA A 85 -26.42 -3.17 -20.88
CA ALA A 85 -26.54 -4.54 -21.35
C ALA A 85 -25.16 -5.06 -21.71
N PRO A 86 -24.82 -6.27 -21.25
CA PRO A 86 -23.48 -6.82 -21.49
C PRO A 86 -23.09 -6.88 -22.96
N ASP A 87 -24.01 -7.28 -23.84
CA ASP A 87 -23.67 -7.34 -25.27
C ASP A 87 -23.39 -5.95 -25.83
N ASN A 88 -24.04 -4.93 -25.27
CA ASN A 88 -23.72 -3.55 -25.63
C ASN A 88 -22.33 -3.13 -25.21
N ILE A 89 -21.90 -3.55 -24.02
CA ILE A 89 -20.54 -3.26 -23.62
C ILE A 89 -19.52 -3.80 -24.60
N ILE A 90 -19.64 -5.08 -24.93
CA ILE A 90 -18.66 -5.77 -25.75
C ILE A 90 -18.58 -5.19 -27.16
N ARG A 91 -19.72 -4.88 -27.75
CA ARG A 91 -19.79 -4.32 -29.11
C ARG A 91 -19.54 -2.82 -29.22
N GLU A 92 -20.00 -2.05 -28.23
CA GLU A 92 -20.00 -0.59 -28.32
C GLU A 92 -19.09 0.13 -27.31
N GLU A 93 -18.63 -0.57 -26.28
CA GLU A 93 -17.86 0.07 -25.21
C GLU A 93 -16.61 -0.74 -24.93
N LYS A 94 -15.85 -1.08 -25.97
CA LYS A 94 -14.72 -1.99 -25.81
C LYS A 94 -13.67 -1.46 -24.81
N SER A 95 -13.50 -0.16 -24.69
CA SER A 95 -12.48 0.33 -23.75
C SER A 95 -12.97 0.21 -22.29
N GLU A 96 -14.27 0.02 -22.10
CA GLU A 96 -14.85 -0.22 -20.77
C GLU A 96 -15.09 -1.69 -20.42
N GLU A 97 -14.74 -2.61 -21.32
CA GLU A 97 -15.06 -4.02 -21.11
C GLU A 97 -14.40 -4.61 -19.87
N PHE A 98 -13.11 -4.31 -19.65
CA PHE A 98 -12.40 -4.82 -18.47
C PHE A 98 -13.02 -4.26 -17.21
N PHE A 99 -13.21 -2.94 -17.14
CA PHE A 99 -13.88 -2.30 -16.00
C PHE A 99 -15.18 -3.03 -15.69
N TYR A 100 -16.02 -3.17 -16.70
CA TYR A 100 -17.33 -3.80 -16.55
C TYR A 100 -17.31 -5.21 -15.98
N PHE A 101 -16.54 -6.10 -16.61
CA PHE A 101 -16.49 -7.49 -16.13
C PHE A 101 -15.77 -7.64 -14.79
N PHE A 102 -14.78 -6.79 -14.55
CA PHE A 102 -14.08 -6.77 -13.25
C PHE A 102 -15.10 -6.38 -12.18
N ASN A 103 -15.82 -5.27 -12.38
CA ASN A 103 -16.74 -4.80 -11.35
C ASN A 103 -17.90 -5.80 -11.17
N HIS A 104 -18.36 -6.39 -12.26
CA HIS A 104 -19.47 -7.34 -12.18
C HIS A 104 -19.07 -8.67 -11.51
N PHE A 105 -17.82 -9.07 -11.68
CA PHE A 105 -17.27 -10.22 -10.93
C PHE A 105 -17.39 -10.02 -9.42
N CYS A 106 -16.90 -8.88 -8.92
CA CYS A 106 -17.01 -8.59 -7.50
C CYS A 106 -18.44 -8.52 -6.98
N PHE A 107 -19.33 -7.86 -7.73
CA PHE A 107 -20.74 -7.78 -7.34
C PHE A 107 -21.36 -9.17 -7.27
N TYR A 108 -21.00 -10.00 -8.25
CA TYR A 108 -21.44 -11.40 -8.30
C TYR A 108 -21.00 -12.17 -7.06
N ILE A 109 -19.71 -12.08 -6.72
CA ILE A 109 -19.23 -12.80 -5.54
C ILE A 109 -19.93 -12.31 -4.28
N ILE A 110 -20.06 -11.00 -4.14
CA ILE A 110 -20.82 -10.39 -3.04
C ILE A 110 -22.30 -10.79 -2.99
N ASN A 111 -22.99 -10.78 -4.12
CA ASN A 111 -24.38 -11.21 -4.17
C ASN A 111 -24.56 -12.67 -3.79
N GLU A 112 -23.63 -13.51 -4.23
CA GLU A 112 -23.70 -14.94 -3.96
C GLU A 112 -23.33 -15.34 -2.53
N THR A 113 -22.49 -14.58 -1.86
CA THR A 113 -21.91 -15.05 -0.59
C THR A 113 -22.28 -14.21 0.64
N ASN A 114 -22.85 -13.03 0.43
CA ASN A 114 -22.98 -12.07 1.53
C ASN A 114 -23.83 -12.58 2.69
N LYS A 115 -24.81 -13.45 2.42
CA LYS A 115 -25.64 -13.91 3.52
C LYS A 115 -24.88 -14.73 4.57
N TYR A 116 -23.72 -15.24 4.20
CA TYR A 116 -22.88 -16.01 5.12
C TYR A 116 -21.76 -15.23 5.79
N ALA A 117 -21.62 -13.95 5.46
CA ALA A 117 -20.38 -13.27 5.78
C ALA A 117 -20.60 -12.34 6.96
N LEU A 118 -19.78 -12.51 8.01
CA LEU A 118 -19.68 -11.50 9.06
C LEU A 118 -19.07 -10.20 8.47
N THR A 119 -18.08 -10.36 7.59
N THR A 119 -18.04 -10.37 7.65
CA THR A 119 -17.38 -9.22 7.04
CA THR A 119 -17.35 -9.24 7.03
C THR A 119 -16.73 -9.60 5.71
C THR A 119 -16.91 -9.62 5.63
N PHE A 120 -16.49 -8.61 4.86
CA PHE A 120 -15.72 -8.84 3.65
C PHE A 120 -14.36 -8.17 3.80
N LYS A 121 -13.31 -8.85 3.38
CA LYS A 121 -11.99 -8.20 3.33
C LYS A 121 -11.47 -8.11 1.90
N MET A 122 -11.07 -6.92 1.46
CA MET A 122 -10.64 -6.73 0.08
C MET A 122 -9.16 -6.37 0.18
N ASN A 123 -8.29 -7.13 -0.49
CA ASN A 123 -6.86 -6.80 -0.47
C ASN A 123 -6.55 -5.87 -1.62
N PHE A 124 -6.06 -4.68 -1.26
CA PHE A 124 -5.76 -3.60 -2.17
C PHE A 124 -4.89 -4.01 -3.36
N ALA A 125 -3.92 -4.91 -3.14
CA ALA A 125 -2.95 -5.27 -4.19
C ALA A 125 -3.62 -5.87 -5.42
N PHE A 126 -4.81 -6.45 -5.25
CA PHE A 126 -5.53 -7.02 -6.38
C PHE A 126 -6.24 -5.97 -7.24
N TYR A 127 -6.39 -4.77 -6.71
CA TYR A 127 -7.17 -3.73 -7.39
C TYR A 127 -6.31 -2.68 -8.06
N ILE A 128 -5.01 -2.72 -7.80
CA ILE A 128 -4.05 -1.73 -8.31
C ILE A 128 -3.26 -2.08 -9.60
N PRO A 129 -3.16 -3.38 -9.98
CA PRO A 129 -2.13 -3.67 -10.98
C PRO A 129 -2.46 -3.29 -12.42
N TYR A 130 -3.67 -2.79 -12.67
CA TYR A 130 -4.07 -2.31 -13.99
C TYR A 130 -4.12 -0.78 -14.00
N GLY A 131 -3.67 -0.13 -12.94
CA GLY A 131 -3.82 1.31 -12.87
C GLY A 131 -5.14 1.78 -12.30
N SER A 132 -5.59 2.95 -12.74
CA SER A 132 -6.75 3.61 -12.15
C SER A 132 -8.02 2.73 -12.23
N VAL A 133 -8.12 1.89 -13.24
CA VAL A 133 -9.36 1.14 -13.47
C VAL A 133 -9.83 0.30 -12.29
N GLY A 134 -8.94 -0.48 -11.68
CA GLY A 134 -9.26 -1.30 -10.52
C GLY A 134 -9.61 -0.51 -9.27
N ILE A 135 -9.08 0.69 -9.16
CA ILE A 135 -9.43 1.58 -8.06
C ILE A 135 -10.85 2.14 -8.19
N ASP A 136 -11.30 2.42 -9.42
CA ASP A 136 -12.74 2.64 -9.64
C ASP A 136 -13.54 1.41 -9.23
N VAL A 137 -13.08 0.21 -9.58
CA VAL A 137 -13.84 -0.99 -9.23
C VAL A 137 -13.89 -1.05 -7.69
N LEU A 138 -12.75 -0.83 -7.06
CA LEU A 138 -12.66 -0.96 -5.60
C LEU A 138 -13.60 0.01 -4.87
N LYS A 139 -13.62 1.26 -5.32
CA LYS A 139 -14.54 2.25 -4.78
C LYS A 139 -16.00 1.76 -4.87
N ASN A 140 -16.34 1.20 -6.02
CA ASN A 140 -17.72 0.74 -6.21
C ASN A 140 -18.05 -0.44 -5.33
N VAL A 141 -17.06 -1.31 -5.10
CA VAL A 141 -17.17 -2.43 -4.19
C VAL A 141 -17.43 -1.96 -2.77
N PHE A 142 -16.62 -1.01 -2.28
CA PHE A 142 -16.89 -0.42 -0.96
C PHE A 142 -18.25 0.32 -0.91
N ASP A 143 -18.68 1.01 -1.96
CA ASP A 143 -19.99 1.68 -1.95
C ASP A 143 -21.12 0.65 -1.84
N TYR A 144 -20.98 -0.44 -2.58
CA TYR A 144 -22.01 -1.46 -2.64
C TYR A 144 -22.18 -2.12 -1.26
N LEU A 145 -21.05 -2.47 -0.63
CA LEU A 145 -21.05 -3.08 0.69
C LEU A 145 -21.59 -2.14 1.76
N TYR A 146 -21.26 -0.87 1.64
CA TYR A 146 -21.86 0.16 2.50
C TYR A 146 -23.38 0.19 2.44
N GLU A 147 -23.94 0.13 1.23
CA GLU A 147 -25.39 0.06 1.03
C GLU A 147 -26.06 -1.17 1.61
N LEU A 148 -25.42 -2.33 1.46
CA LEU A 148 -25.88 -3.58 2.07
C LEU A 148 -25.60 -3.64 3.56
N ASN A 149 -24.79 -2.73 4.08
CA ASN A 149 -24.42 -2.66 5.49
C ASN A 149 -23.56 -3.83 6.01
N ILE A 150 -22.68 -4.35 5.19
CA ILE A 150 -21.82 -5.47 5.59
C ILE A 150 -20.49 -4.88 6.02
N PRO A 151 -19.99 -5.29 7.22
CA PRO A 151 -18.71 -4.79 7.74
C PRO A 151 -17.56 -5.06 6.76
N THR A 152 -16.62 -4.12 6.69
CA THR A 152 -15.58 -4.17 5.67
C THR A 152 -14.19 -3.98 6.30
N ILE A 153 -13.24 -4.68 5.72
CA ILE A 153 -11.82 -4.50 6.04
C ILE A 153 -11.11 -4.25 4.71
N LEU A 154 -10.28 -3.23 4.66
CA LEU A 154 -9.33 -3.09 3.55
C LEU A 154 -7.96 -3.62 3.98
N ASP A 155 -7.55 -4.72 3.37
CA ASP A 155 -6.29 -5.37 3.69
C ASP A 155 -5.25 -4.69 2.80
N MET A 156 -4.39 -3.88 3.43
CA MET A 156 -3.37 -3.15 2.67
C MET A 156 -2.04 -3.13 3.46
N LYS A 157 -2.06 -3.59 4.72
CA LYS A 157 -0.87 -3.78 5.56
C LYS A 157 0.06 -2.55 5.48
N ILE A 158 -0.54 -1.37 5.70
CA ILE A 158 0.09 -0.11 5.41
C ILE A 158 1.11 0.20 6.48
N ASN A 159 2.17 0.93 6.08
CA ASN A 159 3.13 1.49 7.02
C ASN A 159 3.86 2.68 6.41
N ASP A 160 4.08 3.69 7.23
CA ASP A 160 4.88 4.84 6.83
C ASP A 160 4.97 5.82 7.99
N ILE A 161 5.65 6.94 7.77
CA ILE A 161 5.64 7.97 8.79
C ILE A 161 4.27 8.62 8.91
N GLY A 162 4.01 9.27 10.05
CA GLY A 162 2.71 9.92 10.30
C GLY A 162 2.19 10.88 9.24
N ASN A 163 3.03 11.78 8.71
CA ASN A 163 2.53 12.72 7.71
C ASN A 163 2.06 12.04 6.42
N THR A 164 2.68 10.93 6.07
CA THR A 164 2.33 10.18 4.87
C THR A 164 1.12 9.26 5.12
N VAL A 165 1.10 8.56 6.25
CA VAL A 165 -0.06 7.67 6.50
C VAL A 165 -1.43 8.32 6.61
N LYS A 166 -1.51 9.60 6.95
CA LYS A 166 -2.76 10.38 6.91
C LYS A 166 -3.47 10.24 5.57
N ASN A 167 -2.69 10.15 4.50
CA ASN A 167 -3.23 9.93 3.15
C ASN A 167 -3.98 8.60 2.99
N TYR A 168 -3.42 7.53 3.53
CA TYR A 168 -4.13 6.24 3.56
C TYR A 168 -5.40 6.31 4.40
N ARG A 169 -5.29 6.96 5.54
CA ARG A 169 -6.45 7.17 6.38
C ARG A 169 -7.56 7.83 5.58
N LYS A 170 -7.26 8.91 4.86
CA LYS A 170 -8.24 9.55 3.99
C LYS A 170 -8.76 8.60 2.89
N PHE A 171 -7.87 7.87 2.22
CA PHE A 171 -8.35 6.96 1.19
C PHE A 171 -9.27 5.87 1.74
N ILE A 172 -8.84 5.24 2.83
CA ILE A 172 -9.50 4.06 3.38
C ILE A 172 -10.81 4.45 4.07
N PHE A 173 -10.74 5.46 4.93
CA PHE A 173 -11.84 5.78 5.84
C PHE A 173 -12.80 6.88 5.40
N GLU A 174 -12.36 7.77 4.51
CA GLU A 174 -13.22 8.83 3.97
C GLU A 174 -13.68 8.50 2.56
N TYR A 175 -12.73 8.17 1.69
CA TYR A 175 -13.09 7.84 0.30
C TYR A 175 -13.80 6.49 0.14
N LEU A 176 -13.16 5.40 0.58
CA LEU A 176 -13.82 4.09 0.61
C LEU A 176 -14.89 3.90 1.68
N LYS A 177 -14.85 4.68 2.76
CA LYS A 177 -15.74 4.48 3.90
C LYS A 177 -15.66 3.07 4.49
N SER A 178 -14.45 2.50 4.49
CA SER A 178 -14.14 1.22 5.12
C SER A 178 -14.38 1.31 6.62
N ASP A 179 -14.70 0.18 7.24
CA ASP A 179 -14.79 0.11 8.69
C ASP A 179 -13.44 -0.14 9.34
N SER A 180 -12.51 -0.75 8.61
CA SER A 180 -11.22 -1.09 9.20
C SER A 180 -10.18 -1.31 8.12
N CYS A 181 -8.94 -1.47 8.57
CA CYS A 181 -7.84 -1.78 7.66
C CYS A 181 -6.80 -2.57 8.42
N THR A 182 -5.80 -3.06 7.70
CA THR A 182 -4.70 -3.79 8.33
C THR A 182 -3.45 -2.89 8.27
N VAL A 183 -2.58 -2.98 9.27
CA VAL A 183 -1.46 -2.07 9.43
C VAL A 183 -0.23 -2.84 9.92
N ASN A 184 0.96 -2.46 9.45
CA ASN A 184 2.18 -3.06 9.95
C ASN A 184 2.88 -2.02 10.83
N ILE A 185 2.97 -2.27 12.13
CA ILE A 185 3.57 -1.27 13.02
C ILE A 185 5.08 -1.42 13.25
N TYR A 186 5.74 -2.24 12.46
CA TYR A 186 7.20 -2.38 12.59
C TYR A 186 7.96 -1.06 12.58
N MET A 187 7.47 -0.09 11.81
CA MET A 187 8.10 1.22 11.75
C MET A 187 8.00 1.98 13.07
N GLY A 188 6.95 1.67 13.83
CA GLY A 188 6.63 2.35 15.07
C GLY A 188 5.14 2.40 15.31
N THR A 189 4.76 2.31 16.57
CA THR A 189 3.37 2.32 16.93
C THR A 189 2.75 3.71 16.77
N ASN A 190 3.57 4.77 16.76
CA ASN A 190 3.01 6.13 16.75
C ASN A 190 2.29 6.42 15.42
N MET A 191 2.60 5.66 14.37
CA MET A 191 1.83 5.86 13.12
C MET A 191 0.33 5.66 13.35
N LEU A 192 -0.05 4.81 14.30
CA LEU A 192 -1.47 4.53 14.59
C LEU A 192 -2.30 5.76 14.95
N LYS A 193 -1.65 6.81 15.41
CA LYS A 193 -2.33 8.04 15.83
C LYS A 193 -2.82 8.77 14.59
N ASP A 194 -2.21 8.50 13.45
CA ASP A 194 -2.59 9.12 12.19
C ASP A 194 -3.44 8.20 11.31
N ILE A 195 -3.70 6.99 11.81
CA ILE A 195 -4.53 6.02 11.09
C ILE A 195 -5.85 5.81 11.82
N CYS A 196 -5.79 5.59 13.13
CA CYS A 196 -6.98 5.25 13.92
C CYS A 196 -7.64 6.50 14.50
N TYR A 197 -7.03 7.66 14.27
CA TYR A 197 -7.57 8.92 14.78
C TYR A 197 -7.43 10.04 13.77
N ASP A 198 -8.48 10.83 13.56
CA ASP A 198 -8.37 12.02 12.75
C ASP A 198 -8.59 13.21 13.66
N GLU A 199 -7.52 13.95 13.96
CA GLU A 199 -7.59 15.01 14.96
C GLU A 199 -8.42 16.22 14.49
N GLU A 200 -8.47 16.43 13.18
CA GLU A 200 -9.27 17.50 12.58
C GLU A 200 -10.78 17.36 12.70
N LYS A 201 -11.25 16.13 12.52
CA LYS A 201 -12.66 15.80 12.49
C LYS A 201 -13.08 15.18 13.82
N ASN A 202 -12.10 14.85 14.67
CA ASN A 202 -12.36 14.11 15.89
C ASN A 202 -13.12 12.80 15.62
N LYS A 203 -12.62 12.04 14.65
CA LYS A 203 -13.13 10.71 14.34
C LYS A 203 -12.12 9.61 14.68
N TYR A 204 -12.64 8.47 15.10
CA TYR A 204 -11.86 7.30 15.46
C TYR A 204 -12.13 6.17 14.49
N TYR A 205 -11.11 5.35 14.25
CA TYR A 205 -11.23 4.27 13.29
C TYR A 205 -10.57 3.02 13.83
N SER A 206 -10.93 1.86 13.27
CA SER A 206 -10.41 0.60 13.74
C SER A 206 -9.33 0.02 12.80
N ALA A 207 -8.40 -0.76 13.34
CA ALA A 207 -7.41 -1.42 12.52
C ALA A 207 -6.98 -2.74 13.15
N PHE A 208 -6.48 -3.61 12.30
CA PHE A 208 -5.82 -4.84 12.75
C PHE A 208 -4.32 -4.76 12.47
N VAL A 209 -3.50 -4.90 13.51
CA VAL A 209 -2.06 -4.85 13.27
C VAL A 209 -1.47 -6.25 13.10
N LEU A 210 -0.43 -6.34 12.28
CA LEU A 210 0.24 -7.62 12.05
C LEU A 210 0.97 -8.10 13.31
N VAL A 211 0.67 -9.35 13.70
CA VAL A 211 1.26 -9.93 14.90
C VAL A 211 2.03 -11.19 14.50
N LYS A 212 1.31 -12.16 13.92
CA LYS A 212 1.93 -13.33 13.36
C LYS A 212 1.31 -13.62 11.98
N THR A 213 2.16 -13.68 10.95
CA THR A 213 1.71 -13.80 9.58
C THR A 213 1.82 -15.24 9.04
N THR A 214 1.18 -15.50 7.91
CA THR A 214 1.00 -16.87 7.45
C THR A 214 2.10 -17.28 6.48
N ASN A 215 2.95 -16.35 6.10
CA ASN A 215 3.99 -16.75 5.19
C ASN A 215 4.96 -17.76 5.82
N PRO A 216 5.50 -18.66 5.01
CA PRO A 216 6.19 -19.81 5.58
C PRO A 216 7.43 -19.44 6.41
N ASP A 217 8.12 -18.34 6.10
CA ASP A 217 9.20 -17.84 6.97
C ASP A 217 8.87 -16.71 7.94
N SER A 218 7.62 -16.57 8.32
CA SER A 218 7.21 -15.50 9.23
C SER A 218 8.02 -15.51 10.54
N ALA A 219 8.68 -16.62 10.87
CA ALA A 219 9.30 -16.72 12.19
C ALA A 219 10.58 -15.90 12.26
N ILE A 220 11.16 -15.63 11.09
CA ILE A 220 12.47 -15.02 10.98
C ILE A 220 12.61 -13.73 11.79
N PHE A 221 11.59 -12.86 11.73
CA PHE A 221 11.60 -11.72 12.63
C PHE A 221 10.60 -11.79 13.78
N GLN A 222 9.42 -12.35 13.56
CA GLN A 222 8.29 -12.27 14.51
C GLN A 222 8.55 -13.17 15.72
N LYS A 223 9.32 -14.23 15.48
CA LYS A 223 9.69 -15.11 16.58
C LYS A 223 11.18 -15.07 16.96
N ASN A 224 12.10 -14.86 16.03
CA ASN A 224 13.52 -14.87 16.36
C ASN A 224 13.99 -13.64 17.14
N LEU A 225 13.44 -12.48 16.80
CA LEU A 225 13.71 -11.25 17.54
C LEU A 225 12.98 -11.28 18.87
N SER A 226 13.66 -10.82 19.93
CA SER A 226 13.01 -10.76 21.25
C SER A 226 13.53 -9.59 22.08
N LEU A 227 12.83 -9.31 23.17
CA LEU A 227 13.26 -8.33 24.18
C LEU A 227 13.13 -9.02 25.52
N ASP A 228 14.27 -9.22 26.17
CA ASP A 228 14.30 -10.07 27.35
C ASP A 228 13.76 -11.41 26.88
N ASN A 229 12.73 -11.93 27.52
CA ASN A 229 12.23 -13.22 27.05
C ASN A 229 10.82 -13.18 26.49
N LYS A 230 10.53 -12.13 25.75
CA LYS A 230 9.29 -12.04 25.01
C LYS A 230 9.68 -11.94 23.54
N GLN A 231 9.01 -12.73 22.71
CA GLN A 231 9.25 -12.70 21.28
C GLN A 231 8.56 -11.45 20.72
N ALA A 232 9.08 -11.00 19.57
CA ALA A 232 8.67 -9.77 18.92
C ALA A 232 7.15 -9.70 18.77
N TYR A 233 6.51 -10.81 18.40
CA TYR A 233 5.06 -10.79 18.14
C TYR A 233 4.28 -10.43 19.41
N VAL A 234 4.76 -10.89 20.56
CA VAL A 234 4.16 -10.56 21.85
C VAL A 234 4.34 -9.06 22.18
N ILE A 235 5.56 -8.57 21.99
CA ILE A 235 5.87 -7.17 22.24
C ILE A 235 5.04 -6.26 21.34
N MET A 236 4.97 -6.61 20.07
CA MET A 236 4.15 -5.87 19.11
C MET A 236 2.67 -5.85 19.46
N ALA A 237 2.11 -6.98 19.85
CA ALA A 237 0.73 -7.03 20.32
C ALA A 237 0.49 -6.09 21.51
N GLN A 238 1.39 -6.14 22.51
CA GLN A 238 1.23 -5.33 23.73
C GLN A 238 1.31 -3.86 23.36
N GLU A 239 2.22 -3.50 22.47
CA GLU A 239 2.40 -2.10 22.10
C GLU A 239 1.16 -1.54 21.41
N ALA A 240 0.57 -2.38 20.57
CA ALA A 240 -0.62 -1.99 19.82
C ALA A 240 -1.76 -1.75 20.79
N LEU A 241 -1.92 -2.65 21.77
CA LEU A 241 -2.98 -2.48 22.78
C LEU A 241 -2.76 -1.25 23.68
N ASN A 242 -1.51 -1.00 24.05
CA ASN A 242 -1.16 0.22 24.77
C ASN A 242 -1.61 1.47 24.00
N MET A 243 -1.42 1.48 22.67
CA MET A 243 -1.83 2.60 21.82
C MET A 243 -3.35 2.71 21.71
N SER A 244 -4.02 1.57 21.60
CA SER A 244 -5.48 1.58 21.65
C SER A 244 -6.00 2.26 22.95
N SER A 245 -5.38 1.93 24.08
CA SER A 245 -5.74 2.51 25.37
C SER A 245 -5.52 4.00 25.40
N TYR A 246 -4.34 4.42 24.93
CA TYR A 246 -4.03 5.83 24.93
C TYR A 246 -5.06 6.63 24.12
N LEU A 247 -5.35 6.16 22.90
CA LEU A 247 -6.32 6.76 21.99
C LEU A 247 -7.80 6.66 22.39
N ASN A 248 -8.10 5.87 23.41
CA ASN A 248 -9.46 5.65 23.91
C ASN A 248 -10.38 5.10 22.83
N LEU A 249 -9.88 4.17 22.03
CA LEU A 249 -10.67 3.65 20.92
C LEU A 249 -11.94 2.94 21.40
N GLU A 250 -11.78 2.11 22.43
CA GLU A 250 -12.89 1.25 22.80
C GLU A 250 -14.05 2.05 23.37
N GLN A 251 -13.73 3.21 23.96
CA GLN A 251 -14.71 4.19 24.39
C GLN A 251 -15.48 4.83 23.24
N ASN A 252 -14.90 4.82 22.03
CA ASN A 252 -15.56 5.29 20.82
C ASN A 252 -16.01 4.16 19.92
N ASN A 253 -16.14 2.98 20.50
CA ASN A 253 -16.66 1.80 19.81
C ASN A 253 -15.77 1.37 18.64
N GLU A 254 -14.47 1.58 18.78
CA GLU A 254 -13.49 1.19 17.78
C GLU A 254 -12.45 0.37 18.52
N PHE A 255 -11.55 -0.26 17.78
CA PHE A 255 -10.54 -1.10 18.42
C PHE A 255 -9.31 -1.22 17.53
N ILE A 256 -8.23 -1.70 18.15
CA ILE A 256 -7.06 -2.20 17.44
C ILE A 256 -7.01 -3.68 17.78
N GLY A 257 -7.14 -4.49 16.74
CA GLY A 257 -6.96 -5.92 16.84
C GLY A 257 -5.70 -6.43 16.15
N PHE A 258 -5.65 -7.77 15.99
CA PHE A 258 -4.42 -8.46 15.72
C PHE A 258 -4.63 -9.36 14.51
N VAL A 259 -3.69 -9.33 13.57
CA VAL A 259 -3.65 -10.38 12.55
C VAL A 259 -2.81 -11.55 13.08
N VAL A 260 -3.40 -12.73 13.21
CA VAL A 260 -2.67 -13.94 13.65
C VAL A 260 -3.02 -15.07 12.68
N GLY A 261 -2.03 -15.60 11.99
CA GLY A 261 -2.29 -16.51 10.88
C GLY A 261 -2.91 -17.82 11.33
N ALA A 262 -3.69 -18.43 10.44
CA ALA A 262 -4.52 -19.59 10.75
C ALA A 262 -3.70 -20.87 10.79
N ASN A 263 -2.39 -20.72 10.68
CA ASN A 263 -1.45 -21.83 10.78
C ASN A 263 -0.50 -21.68 11.96
N SER A 264 -0.67 -20.60 12.72
CA SER A 264 0.22 -20.33 13.84
C SER A 264 -0.49 -20.72 15.12
N TYR A 265 -0.63 -22.02 15.39
CA TYR A 265 -1.54 -22.44 16.46
C TYR A 265 -1.03 -22.08 17.84
N ASP A 266 0.27 -22.24 18.08
CA ASP A 266 0.86 -21.84 19.35
C ASP A 266 0.72 -20.36 19.65
N GLU A 267 0.98 -19.52 18.65
CA GLU A 267 0.83 -18.08 18.80
C GLU A 267 -0.60 -17.64 19.05
N MET A 268 -1.54 -18.25 18.32
CA MET A 268 -2.97 -18.05 18.54
C MET A 268 -3.36 -18.34 20.00
N ASN A 269 -2.95 -19.50 20.50
CA ASN A 269 -3.17 -19.88 21.90
C ASN A 269 -2.59 -18.83 22.86
N TYR A 270 -1.34 -18.45 22.64
CA TYR A 270 -0.71 -17.41 23.47
C TYR A 270 -1.45 -16.06 23.47
N ILE A 271 -1.71 -15.51 22.29
CA ILE A 271 -2.42 -14.24 22.16
C ILE A 271 -3.77 -14.29 22.85
N ARG A 272 -4.54 -15.36 22.63
CA ARG A 272 -5.87 -15.46 23.24
C ARG A 272 -5.80 -15.62 24.76
N THR A 273 -4.83 -16.40 25.24
CA THR A 273 -4.61 -16.59 26.65
C THR A 273 -4.18 -15.28 27.32
N TYR A 274 -3.20 -14.57 26.73
CA TYR A 274 -2.64 -13.40 27.38
C TYR A 274 -3.36 -12.09 27.10
N PHE A 275 -4.16 -12.03 26.04
CA PHE A 275 -5.02 -10.88 25.75
C PHE A 275 -6.46 -11.37 25.51
N PRO A 276 -7.17 -11.68 26.60
CA PRO A 276 -8.40 -12.47 26.49
C PRO A 276 -9.52 -11.86 25.65
N ASN A 277 -9.61 -10.54 25.60
CA ASN A 277 -10.69 -9.89 24.86
C ASN A 277 -10.27 -9.15 23.60
N CYS A 278 -9.11 -9.52 23.04
CA CYS A 278 -8.58 -8.92 21.82
C CYS A 278 -9.38 -9.40 20.62
N TYR A 279 -9.45 -8.57 19.57
CA TYR A 279 -10.07 -8.92 18.29
C TYR A 279 -8.98 -9.48 17.39
N ILE A 280 -9.22 -10.70 16.89
CA ILE A 280 -8.24 -11.40 16.05
C ILE A 280 -8.77 -11.61 14.62
N LEU A 281 -7.98 -11.26 13.61
CA LEU A 281 -8.28 -11.57 12.22
C LEU A 281 -7.34 -12.69 11.78
N SER A 282 -7.87 -13.79 11.27
CA SER A 282 -7.02 -14.93 10.99
C SER A 282 -7.13 -15.42 9.53
N PRO A 283 -6.20 -14.99 8.63
CA PRO A 283 -6.18 -15.53 7.26
C PRO A 283 -5.37 -16.83 7.24
N GLY A 284 -5.44 -17.56 6.13
CA GLY A 284 -4.71 -18.79 5.95
C GLY A 284 -5.48 -20.09 5.80
N ILE A 285 -6.80 -20.05 5.97
CA ILE A 285 -7.65 -21.23 5.72
C ILE A 285 -7.99 -21.33 4.22
N GLY A 286 -7.99 -22.54 3.68
CA GLY A 286 -8.29 -22.78 2.28
C GLY A 286 -7.00 -22.89 1.48
N ALA A 287 -6.73 -21.88 0.65
CA ALA A 287 -5.56 -21.88 -0.23
C ALA A 287 -4.20 -22.10 0.44
N GLN A 288 -4.04 -21.58 1.65
CA GLN A 288 -2.79 -21.69 2.40
C GLN A 288 -2.78 -22.89 3.34
N ASN A 289 -3.85 -23.68 3.36
N ASN A 289 -3.83 -23.71 3.31
CA ASN A 289 -3.85 -25.00 3.99
CA ASN A 289 -3.89 -24.99 4.02
C ASN A 289 -3.86 -25.03 5.53
C ASN A 289 -3.63 -24.91 5.52
N GLY A 290 -4.26 -23.92 6.15
CA GLY A 290 -4.31 -23.85 7.62
C GLY A 290 -5.33 -24.84 8.19
N ASP A 291 -5.21 -25.16 9.48
CA ASP A 291 -6.12 -26.13 10.10
C ASP A 291 -7.22 -25.40 10.87
N LEU A 292 -8.44 -25.47 10.33
CA LEU A 292 -9.56 -24.66 10.84
C LEU A 292 -9.98 -25.05 12.25
N HIS A 293 -10.12 -26.35 12.51
CA HIS A 293 -10.35 -26.83 13.87
C HIS A 293 -9.34 -26.27 14.90
N LYS A 294 -8.05 -26.45 14.64
CA LYS A 294 -7.01 -25.95 15.54
C LYS A 294 -7.05 -24.43 15.75
N THR A 295 -7.15 -23.70 14.64
CA THR A 295 -7.14 -22.24 14.70
C THR A 295 -8.31 -21.70 15.53
N LEU A 296 -9.50 -22.24 15.26
CA LEU A 296 -10.72 -21.66 15.80
C LEU A 296 -10.88 -22.06 17.26
N THR A 297 -10.38 -23.24 17.61
CA THR A 297 -10.35 -23.67 18.99
C THR A 297 -9.34 -22.83 19.80
N ASN A 298 -8.17 -22.59 19.24
CA ASN A 298 -7.14 -21.81 19.94
C ASN A 298 -7.45 -20.32 20.03
N GLY A 299 -8.21 -19.81 19.07
CA GLY A 299 -8.58 -18.41 19.08
C GLY A 299 -9.97 -18.11 19.59
N TYR A 300 -10.74 -19.15 19.96
CA TYR A 300 -12.14 -19.00 20.34
C TYR A 300 -12.37 -17.87 21.33
N HIS A 301 -13.43 -17.11 21.06
CA HIS A 301 -14.03 -16.24 22.06
C HIS A 301 -15.54 -16.36 21.91
N LYS A 302 -16.22 -16.35 23.07
CA LYS A 302 -17.68 -16.49 23.11
C LYS A 302 -18.41 -15.35 22.38
N SER A 303 -17.74 -14.20 22.28
CA SER A 303 -18.12 -13.15 21.31
C SER A 303 -17.34 -13.40 20.03
N TYR A 304 -17.79 -14.34 19.21
CA TYR A 304 -16.90 -14.81 18.17
C TYR A 304 -16.63 -13.83 17.01
N GLU A 305 -17.15 -12.60 17.07
CA GLU A 305 -16.67 -11.52 16.19
C GLU A 305 -15.20 -11.20 16.52
N LYS A 306 -14.76 -11.64 17.68
CA LYS A 306 -13.37 -11.50 18.11
C LYS A 306 -12.38 -12.51 17.51
N ILE A 307 -12.88 -13.41 16.67
CA ILE A 307 -12.05 -14.38 15.96
C ILE A 307 -12.58 -14.55 14.53
N LEU A 308 -12.22 -13.60 13.67
CA LEU A 308 -12.61 -13.62 12.25
C LEU A 308 -11.74 -14.59 11.44
N ILE A 309 -12.37 -15.55 10.78
CA ILE A 309 -11.68 -16.52 9.92
C ILE A 309 -11.85 -16.07 8.48
N ASN A 310 -10.78 -15.61 7.87
CA ASN A 310 -10.81 -15.11 6.50
C ASN A 310 -10.53 -16.24 5.55
N ILE A 311 -11.39 -16.36 4.55
CA ILE A 311 -11.25 -17.33 3.47
C ILE A 311 -11.47 -16.56 2.17
N GLY A 312 -10.42 -16.48 1.35
CA GLY A 312 -10.45 -15.80 0.07
C GLY A 312 -10.52 -16.76 -1.11
N ARG A 313 -9.37 -17.21 -1.63
CA ARG A 313 -9.37 -18.05 -2.82
C ARG A 313 -10.23 -19.33 -2.77
N ALA A 314 -10.35 -19.95 -1.60
CA ALA A 314 -11.15 -21.17 -1.52
C ALA A 314 -12.64 -20.95 -1.77
N ILE A 315 -13.12 -19.72 -1.60
CA ILE A 315 -14.48 -19.36 -2.00
C ILE A 315 -14.46 -18.75 -3.42
N THR A 316 -13.60 -17.76 -3.66
CA THR A 316 -13.69 -17.00 -4.92
C THR A 316 -13.22 -17.76 -6.15
N LYS A 317 -12.39 -18.79 -5.98
CA LYS A 317 -11.90 -19.55 -7.13
C LYS A 317 -12.72 -20.85 -7.32
N ASN A 318 -13.71 -21.03 -6.46
CA ASN A 318 -14.65 -22.14 -6.64
C ASN A 318 -15.71 -21.77 -7.68
N PRO A 319 -16.03 -22.69 -8.59
CA PRO A 319 -17.08 -22.44 -9.59
C PRO A 319 -18.46 -22.17 -8.99
N TYR A 320 -18.69 -22.57 -7.73
CA TYR A 320 -19.95 -22.30 -7.07
C TYR A 320 -19.69 -21.59 -5.73
N PRO A 321 -19.39 -20.28 -5.79
CA PRO A 321 -18.95 -19.58 -4.59
C PRO A 321 -20.03 -19.54 -3.49
N GLN A 322 -21.30 -19.50 -3.87
CA GLN A 322 -22.36 -19.57 -2.85
C GLN A 322 -22.26 -20.89 -2.05
N LYS A 323 -22.09 -22.01 -2.74
CA LYS A 323 -22.03 -23.30 -2.03
C LYS A 323 -20.70 -23.45 -1.29
N ALA A 324 -19.60 -22.93 -1.86
CA ALA A 324 -18.33 -22.96 -1.13
C ALA A 324 -18.43 -22.15 0.18
N ALA A 325 -19.09 -20.98 0.13
CA ALA A 325 -19.24 -20.13 1.31
C ALA A 325 -20.17 -20.77 2.36
N GLN A 326 -21.25 -21.37 1.90
CA GLN A 326 -22.14 -22.12 2.78
C GLN A 326 -21.40 -23.25 3.51
N MET A 327 -20.54 -23.96 2.78
CA MET A 327 -19.80 -25.08 3.35
C MET A 327 -18.84 -24.66 4.45
N TYR A 328 -18.09 -23.59 4.20
CA TYR A 328 -17.26 -22.98 5.25
C TYR A 328 -18.04 -22.38 6.41
N TYR A 329 -19.15 -21.72 6.13
CA TYR A 329 -20.04 -21.21 7.16
C TYR A 329 -20.54 -22.35 8.08
N ASP A 330 -20.95 -23.43 7.44
CA ASP A 330 -21.44 -24.57 8.21
C ASP A 330 -20.31 -25.23 8.97
N GLN A 331 -19.12 -25.29 8.39
CA GLN A 331 -18.00 -25.97 9.07
C GLN A 331 -17.49 -25.16 10.27
N ILE A 332 -17.43 -23.84 10.08
CA ILE A 332 -17.11 -22.93 11.18
C ILE A 332 -18.12 -23.08 12.32
N ASN A 333 -19.40 -22.98 11.98
CA ASN A 333 -20.47 -23.08 12.99
C ASN A 333 -20.50 -24.39 13.77
N ALA A 334 -20.17 -25.49 13.10
CA ALA A 334 -20.02 -26.79 13.76
C ALA A 334 -18.89 -26.77 14.81
N ILE A 335 -17.74 -26.19 14.45
CA ILE A 335 -16.64 -25.99 15.41
C ILE A 335 -16.97 -24.96 16.52
N LEU A 336 -17.68 -23.88 16.18
CA LEU A 336 -18.23 -22.94 17.18
C LEU A 336 -19.18 -23.62 18.18
N LYS A 337 -20.04 -24.51 17.68
CA LYS A 337 -20.99 -25.23 18.52
C LYS A 337 -20.27 -26.13 19.53
N GLN A 338 -19.18 -26.77 19.09
CA GLN A 338 -18.38 -27.61 20.00
C GLN A 338 -17.73 -26.81 21.11
N ASN A 339 -17.30 -25.58 20.79
CA ASN A 339 -16.62 -24.69 21.72
C ASN A 339 -17.60 -24.08 22.72
N MET A 340 -18.85 -23.97 22.29
CA MET A 340 -19.93 -23.52 23.14
C MET A 340 -20.64 -24.71 23.79
N GLU A 341 -20.40 -25.91 23.24
CA GLU A 341 -21.11 -27.17 23.54
C GLU A 341 -22.64 -27.09 23.57
N SER B 19 15.70 -2.81 -19.49
CA SER B 19 16.80 -3.44 -20.28
C SER B 19 18.17 -3.47 -19.59
N MET B 20 18.66 -2.31 -19.14
CA MET B 20 20.04 -2.23 -18.64
C MET B 20 20.30 -2.73 -17.21
N GLY B 21 19.47 -2.30 -16.25
CA GLY B 21 19.60 -2.73 -14.86
C GLY B 21 19.82 -1.53 -13.96
N PHE B 22 19.13 -1.49 -12.82
CA PHE B 22 19.14 -0.32 -11.96
C PHE B 22 20.53 0.09 -11.50
N LYS B 23 21.38 -0.92 -11.29
CA LYS B 23 22.72 -0.73 -10.78
C LYS B 23 23.49 0.07 -11.84
N VAL B 24 23.28 -0.28 -13.11
CA VAL B 24 23.97 0.36 -14.22
C VAL B 24 23.34 1.71 -14.54
N LYS B 25 22.01 1.77 -14.55
CA LYS B 25 21.29 3.05 -14.61
C LYS B 25 21.80 4.11 -13.61
N LEU B 26 21.89 3.76 -12.34
CA LEU B 26 22.40 4.68 -11.32
C LEU B 26 23.84 5.13 -11.54
N GLU B 27 24.73 4.18 -11.81
CA GLU B 27 26.15 4.47 -12.06
C GLU B 27 26.26 5.44 -13.23
N LYS B 28 25.54 5.16 -14.31
CA LYS B 28 25.65 5.99 -15.51
C LYS B 28 25.04 7.39 -15.34
N ARG B 29 23.92 7.49 -14.64
CA ARG B 29 23.40 8.82 -14.35
C ARG B 29 24.32 9.59 -13.39
N ARG B 30 24.95 8.89 -12.45
CA ARG B 30 25.91 9.51 -11.54
C ARG B 30 27.10 10.11 -12.30
N ASN B 31 27.63 9.38 -13.28
CA ASN B 31 28.69 9.89 -14.14
C ASN B 31 28.34 11.14 -14.91
N ALA B 32 27.09 11.23 -15.36
CA ALA B 32 26.58 12.38 -16.09
C ALA B 32 26.27 13.58 -15.19
N ILE B 33 25.71 13.39 -14.00
CA ILE B 33 25.25 14.58 -13.27
C ILE B 33 25.99 14.88 -11.96
N ASN B 34 26.81 13.93 -11.54
CA ASN B 34 27.68 14.06 -10.37
C ASN B 34 27.00 14.44 -9.04
N THR B 35 25.95 13.70 -8.69
CA THR B 35 25.28 13.93 -7.41
C THR B 35 24.66 12.63 -6.90
N CYS B 36 24.21 12.68 -5.64
CA CYS B 36 23.38 11.60 -5.12
C CYS B 36 22.07 12.12 -4.53
N LEU B 37 21.67 13.33 -4.91
CA LEU B 37 20.34 13.84 -4.59
C LEU B 37 19.20 12.96 -5.17
N CYS B 38 18.26 12.56 -4.33
CA CYS B 38 17.05 11.83 -4.75
C CYS B 38 15.88 12.78 -4.46
N ILE B 39 15.18 13.25 -5.49
CA ILE B 39 14.09 14.20 -5.24
C ILE B 39 12.75 13.47 -4.99
N GLY B 40 12.14 13.75 -3.84
CA GLY B 40 10.88 13.14 -3.44
C GLY B 40 9.73 13.91 -4.05
N LEU B 41 8.92 13.24 -4.84
CA LEU B 41 7.73 13.91 -5.39
C LEU B 41 6.50 13.40 -4.63
N ASP B 42 6.12 14.10 -3.56
CA ASP B 42 4.98 13.70 -2.72
C ASP B 42 4.03 14.90 -2.58
N PRO B 43 3.17 15.14 -3.59
CA PRO B 43 2.25 16.29 -3.55
C PRO B 43 1.03 16.04 -2.69
N ASP B 44 0.77 16.93 -1.73
CA ASP B 44 -0.45 16.80 -0.94
C ASP B 44 -1.52 17.76 -1.47
N GLU B 45 -2.73 17.65 -0.94
CA GLU B 45 -3.86 18.41 -1.47
C GLU B 45 -3.55 19.90 -1.44
N LYS B 46 -2.94 20.37 -0.35
CA LYS B 46 -2.66 21.78 -0.25
C LYS B 46 -1.63 22.22 -1.28
N ASP B 47 -0.66 21.36 -1.63
CA ASP B 47 0.30 21.71 -2.69
C ASP B 47 -0.41 21.88 -4.03
N ILE B 48 -1.33 20.97 -4.32
CA ILE B 48 -2.07 21.03 -5.57
C ILE B 48 -2.94 22.28 -5.62
N GLU B 49 -3.66 22.57 -4.54
CA GLU B 49 -4.55 23.74 -4.46
C GLU B 49 -3.76 25.03 -4.59
N ASN B 50 -2.62 25.10 -3.89
CA ASN B 50 -1.73 26.26 -4.01
C ASN B 50 -1.18 26.48 -5.41
N PHE B 51 -0.80 25.42 -6.10
CA PHE B 51 -0.31 25.52 -7.48
C PHE B 51 -1.44 26.08 -8.37
N MET B 52 -2.65 25.55 -8.21
N MET B 52 -2.65 25.53 -8.22
CA MET B 52 -3.80 26.01 -8.97
CA MET B 52 -3.84 26.01 -8.93
C MET B 52 -4.16 27.48 -8.68
C MET B 52 -4.04 27.51 -8.68
N LYS B 53 -4.08 27.87 -7.40
CA LYS B 53 -4.32 29.26 -6.99
C LYS B 53 -3.29 30.20 -7.59
N ASN B 54 -2.01 29.90 -7.39
CA ASN B 54 -0.90 30.65 -7.99
C ASN B 54 -0.89 30.76 -9.51
N GLU B 55 -1.13 29.65 -10.20
CA GLU B 55 -1.21 29.65 -11.65
C GLU B 55 -2.23 30.63 -12.17
N LYS B 56 -3.44 30.58 -11.61
CA LYS B 56 -4.49 31.54 -11.94
C LYS B 56 -4.03 32.98 -11.81
N GLU B 57 -3.44 33.31 -10.66
CA GLU B 57 -2.94 34.65 -10.36
C GLU B 57 -1.72 35.12 -11.16
N ASN B 58 -1.04 34.20 -11.81
N ASN B 58 -1.07 34.19 -11.86
CA ASN B 58 0.17 34.57 -12.53
CA ASN B 58 0.20 34.47 -12.51
C ASN B 58 0.11 34.16 -14.01
C ASN B 58 0.12 34.21 -14.02
N ASN B 59 -1.12 34.18 -14.53
CA ASN B 59 -1.42 33.87 -15.94
C ASN B 59 -0.94 32.50 -16.44
N TYR B 60 -0.99 31.52 -15.54
CA TYR B 60 -0.64 30.14 -15.85
C TYR B 60 0.76 30.02 -16.44
N ASN B 61 1.68 30.84 -15.94
CA ASN B 61 3.02 30.91 -16.51
C ASN B 61 3.74 29.56 -16.44
N ASN B 62 3.51 28.79 -15.39
CA ASN B 62 4.18 27.49 -15.25
C ASN B 62 3.57 26.40 -16.12
N ILE B 63 2.25 26.39 -16.26
CA ILE B 63 1.59 25.44 -17.13
C ILE B 63 2.04 25.71 -18.58
N LYS B 64 2.10 26.99 -18.93
CA LYS B 64 2.48 27.35 -20.30
C LYS B 64 3.92 26.94 -20.58
N LYS B 65 4.79 26.99 -19.56
CA LYS B 65 6.14 26.43 -19.68
C LYS B 65 6.15 24.92 -19.82
N ASN B 66 5.36 24.24 -18.99
CA ASN B 66 5.17 22.79 -19.13
C ASN B 66 4.79 22.38 -20.55
N LEU B 67 3.87 23.13 -21.15
CA LEU B 67 3.34 22.80 -22.46
C LEU B 67 4.36 22.99 -23.57
N LYS B 68 5.43 23.73 -23.28
CA LYS B 68 6.57 23.96 -24.18
C LYS B 68 7.53 22.76 -24.23
N GLU B 69 7.43 21.85 -23.27
CA GLU B 69 8.38 20.76 -23.15
C GLU B 69 8.07 19.59 -24.06
N LYS B 70 9.12 18.95 -24.55
CA LYS B 70 8.99 17.87 -25.51
C LYS B 70 8.22 16.66 -24.99
N TYR B 71 8.61 16.16 -23.82
CA TYR B 71 8.12 14.85 -23.41
C TYR B 71 6.68 14.77 -22.88
N ILE B 72 5.98 15.90 -22.83
CA ILE B 72 4.56 15.90 -22.48
C ILE B 72 3.73 15.22 -23.58
N ASN B 73 4.27 15.18 -24.79
CA ASN B 73 3.58 14.56 -25.91
C ASN B 73 3.70 13.04 -25.90
N ASN B 74 4.33 12.53 -24.85
CA ASN B 74 4.53 11.10 -24.69
C ASN B 74 3.87 10.48 -23.47
N VAL B 75 3.03 11.23 -22.75
CA VAL B 75 2.40 10.65 -21.56
C VAL B 75 1.26 9.73 -21.99
N SER B 76 0.92 8.74 -21.17
CA SER B 76 -0.01 7.66 -21.58
C SER B 76 -1.47 8.06 -21.49
N ILE B 77 -1.77 8.87 -20.48
CA ILE B 77 -3.13 8.95 -20.01
C ILE B 77 -3.70 10.35 -20.18
N LYS B 78 -4.77 10.44 -20.97
CA LYS B 78 -5.46 11.73 -21.19
C LYS B 78 -4.53 12.84 -21.64
N LYS B 79 -3.66 12.53 -22.58
CA LYS B 79 -2.69 13.50 -23.07
C LYS B 79 -3.38 14.72 -23.69
N ASP B 80 -4.42 14.41 -24.47
N ASP B 80 -4.47 14.49 -24.42
CA ASP B 80 -5.33 15.38 -25.06
CA ASP B 80 -5.16 15.60 -25.09
C ASP B 80 -5.62 16.51 -24.07
C ASP B 80 -5.79 16.59 -24.10
N ILE B 81 -6.15 16.12 -22.91
CA ILE B 81 -6.53 17.04 -21.85
C ILE B 81 -5.35 17.87 -21.35
N LEU B 82 -4.24 17.19 -21.07
CA LEU B 82 -3.06 17.85 -20.48
C LEU B 82 -2.44 18.91 -21.39
N LEU B 83 -2.70 18.77 -22.68
CA LEU B 83 -2.21 19.66 -23.73
C LEU B 83 -3.10 20.87 -23.98
N LYS B 84 -4.31 20.84 -23.43
CA LYS B 84 -5.26 21.96 -23.58
C LYS B 84 -4.80 23.18 -22.82
N ALA B 85 -5.26 24.36 -23.26
CA ALA B 85 -4.99 25.58 -22.51
C ALA B 85 -5.78 25.57 -21.21
N PRO B 86 -5.18 26.05 -20.10
CA PRO B 86 -5.90 26.03 -18.82
C PRO B 86 -7.20 26.82 -18.82
N ASP B 87 -7.27 27.91 -19.59
CA ASP B 87 -8.50 28.67 -19.76
C ASP B 87 -9.64 27.79 -20.28
N ASN B 88 -9.32 26.87 -21.17
CA ASN B 88 -10.32 25.97 -21.75
C ASN B 88 -10.69 24.77 -20.87
N ILE B 89 -9.72 24.24 -20.12
CA ILE B 89 -10.00 23.18 -19.15
C ILE B 89 -11.08 23.63 -18.17
N ILE B 90 -10.92 24.83 -17.64
CA ILE B 90 -11.81 25.35 -16.63
C ILE B 90 -13.23 25.63 -17.11
N ARG B 91 -13.41 25.87 -18.41
CA ARG B 91 -14.72 26.10 -19.00
C ARG B 91 -15.35 24.84 -19.55
N GLU B 92 -14.55 24.04 -20.27
CA GLU B 92 -15.12 22.96 -21.06
C GLU B 92 -14.73 21.54 -20.64
N GLU B 93 -13.77 21.42 -19.73
CA GLU B 93 -13.38 20.12 -19.18
C GLU B 93 -13.27 20.22 -17.66
N LYS B 94 -14.28 20.79 -17.03
CA LYS B 94 -14.18 21.08 -15.60
C LYS B 94 -14.00 19.86 -14.71
N SER B 95 -14.57 18.73 -15.13
CA SER B 95 -14.44 17.50 -14.35
C SER B 95 -12.99 16.99 -14.37
N GLU B 96 -12.20 17.42 -15.36
CA GLU B 96 -10.78 17.10 -15.46
C GLU B 96 -9.84 18.14 -14.82
N GLU B 97 -10.41 19.16 -14.18
CA GLU B 97 -9.60 20.26 -13.63
C GLU B 97 -8.60 19.77 -12.58
N PHE B 98 -9.04 18.92 -11.67
CA PHE B 98 -8.12 18.46 -10.61
C PHE B 98 -7.02 17.58 -11.20
N PHE B 99 -7.39 16.59 -12.01
CA PHE B 99 -6.43 15.82 -12.78
C PHE B 99 -5.42 16.72 -13.52
N TYR B 100 -5.92 17.74 -14.20
CA TYR B 100 -5.09 18.65 -14.98
C TYR B 100 -4.06 19.36 -14.12
N PHE B 101 -4.50 20.00 -13.04
CA PHE B 101 -3.59 20.74 -12.18
C PHE B 101 -2.63 19.87 -11.35
N PHE B 102 -3.11 18.69 -10.95
CA PHE B 102 -2.28 17.72 -10.20
C PHE B 102 -1.18 17.26 -11.15
N ASN B 103 -1.53 16.83 -12.35
CA ASN B 103 -0.49 16.39 -13.26
C ASN B 103 0.48 17.53 -13.59
N HIS B 104 -0.05 18.73 -13.84
CA HIS B 104 0.84 19.86 -14.13
C HIS B 104 1.72 20.31 -12.98
N PHE B 105 1.26 20.13 -11.75
CA PHE B 105 2.12 20.39 -10.61
C PHE B 105 3.32 19.46 -10.65
N CYS B 106 3.08 18.16 -10.82
CA CYS B 106 4.16 17.19 -10.88
C CYS B 106 5.11 17.48 -12.06
N PHE B 107 4.55 17.77 -13.24
CA PHE B 107 5.42 18.10 -14.37
C PHE B 107 6.30 19.33 -14.07
N TYR B 108 5.71 20.33 -13.42
CA TYR B 108 6.43 21.58 -13.09
C TYR B 108 7.62 21.27 -12.17
N ILE B 109 7.38 20.44 -11.16
CA ILE B 109 8.46 20.13 -10.23
C ILE B 109 9.59 19.39 -10.96
N ILE B 110 9.24 18.39 -11.76
CA ILE B 110 10.22 17.62 -12.52
C ILE B 110 11.03 18.52 -13.48
N ASN B 111 10.35 19.41 -14.21
CA ASN B 111 10.99 20.26 -15.19
C ASN B 111 11.97 21.21 -14.49
N GLU B 112 11.53 21.75 -13.36
CA GLU B 112 12.36 22.69 -12.62
C GLU B 112 13.58 22.03 -11.95
N THR B 113 13.45 20.79 -11.48
CA THR B 113 14.50 20.18 -10.65
C THR B 113 15.26 19.00 -11.25
N ASN B 114 14.83 18.47 -12.40
CA ASN B 114 15.42 17.18 -12.85
C ASN B 114 16.93 17.17 -13.12
N LYS B 115 17.46 18.35 -13.48
CA LYS B 115 18.89 18.43 -13.84
C LYS B 115 19.79 18.21 -12.63
N TYR B 116 19.22 18.34 -11.44
CA TYR B 116 19.94 18.12 -10.18
C TYR B 116 19.76 16.73 -9.57
N ALA B 117 18.91 15.90 -10.16
CA ALA B 117 18.45 14.69 -9.46
C ALA B 117 19.11 13.46 -10.03
N LEU B 118 19.72 12.64 -9.18
CA LEU B 118 20.16 11.30 -9.60
C LEU B 118 18.91 10.41 -9.83
N THR B 119 17.89 10.59 -8.98
CA THR B 119 16.68 9.77 -9.07
C THR B 119 15.48 10.57 -8.55
N PHE B 120 14.27 10.15 -8.91
CA PHE B 120 13.06 10.70 -8.32
C PHE B 120 12.40 9.56 -7.54
N LYS B 121 11.87 9.89 -6.37
CA LYS B 121 11.10 8.92 -5.61
C LYS B 121 9.67 9.44 -5.37
N MET B 122 8.66 8.65 -5.74
CA MET B 122 7.26 9.08 -5.65
C MET B 122 6.63 8.18 -4.60
N ASN B 123 6.10 8.76 -3.52
CA ASN B 123 5.46 7.92 -2.52
C ASN B 123 4.03 7.71 -2.95
N PHE B 124 3.67 6.45 -3.12
CA PHE B 124 2.34 6.02 -3.53
C PHE B 124 1.16 6.63 -2.76
N ALA B 125 1.33 6.80 -1.45
CA ALA B 125 0.28 7.30 -0.58
C ALA B 125 -0.27 8.65 -1.02
N PHE B 126 0.55 9.47 -1.66
CA PHE B 126 0.08 10.81 -2.08
C PHE B 126 -0.80 10.75 -3.34
N TYR B 127 -0.74 9.64 -4.04
CA TYR B 127 -1.40 9.49 -5.34
C TYR B 127 -2.73 8.73 -5.26
N ILE B 128 -3.00 8.12 -4.11
CA ILE B 128 -4.19 7.28 -3.90
C ILE B 128 -5.45 7.92 -3.28
N PRO B 129 -5.30 9.03 -2.51
CA PRO B 129 -6.44 9.33 -1.65
C PRO B 129 -7.65 10.02 -2.29
N TYR B 130 -7.59 10.30 -3.59
CA TYR B 130 -8.68 10.88 -4.38
C TYR B 130 -9.28 9.79 -5.26
N GLY B 131 -8.80 8.56 -5.06
CA GLY B 131 -9.23 7.43 -5.88
C GLY B 131 -8.44 7.29 -7.16
N SER B 132 -9.07 6.88 -8.24
CA SER B 132 -8.35 6.54 -9.47
C SER B 132 -7.62 7.70 -10.11
N VAL B 133 -8.12 8.92 -9.94
CA VAL B 133 -7.56 10.06 -10.66
C VAL B 133 -6.06 10.27 -10.43
N GLY B 134 -5.62 10.11 -9.17
CA GLY B 134 -4.21 10.24 -8.81
C GLY B 134 -3.32 9.11 -9.30
N ILE B 135 -3.93 7.96 -9.57
CA ILE B 135 -3.19 6.82 -10.12
C ILE B 135 -2.90 7.08 -11.62
N ASP B 136 -3.83 7.76 -12.31
CA ASP B 136 -3.53 8.22 -13.67
C ASP B 136 -2.40 9.25 -13.67
N VAL B 137 -2.44 10.21 -12.76
CA VAL B 137 -1.31 11.14 -12.60
C VAL B 137 -0.01 10.37 -12.37
N LEU B 138 -0.06 9.41 -11.45
CA LEU B 138 1.17 8.67 -11.08
C LEU B 138 1.75 7.96 -12.31
N LYS B 139 0.87 7.35 -13.10
CA LYS B 139 1.27 6.69 -14.34
C LYS B 139 1.98 7.65 -15.32
N ASN B 140 1.37 8.81 -15.54
CA ASN B 140 1.94 9.85 -16.40
C ASN B 140 3.27 10.38 -15.88
N VAL B 141 3.36 10.52 -14.56
CA VAL B 141 4.61 10.87 -13.92
C VAL B 141 5.74 9.88 -14.24
N PHE B 142 5.49 8.59 -14.03
CA PHE B 142 6.45 7.54 -14.40
C PHE B 142 6.76 7.49 -15.90
N ASP B 143 5.75 7.68 -16.75
CA ASP B 143 5.96 7.82 -18.19
C ASP B 143 6.91 8.98 -18.50
N TYR B 144 6.66 10.14 -17.89
CA TYR B 144 7.45 11.34 -18.16
C TYR B 144 8.92 11.13 -17.72
N LEU B 145 9.12 10.60 -16.53
CA LEU B 145 10.46 10.36 -16.03
C LEU B 145 11.18 9.32 -16.89
N TYR B 146 10.40 8.35 -17.40
CA TYR B 146 10.97 7.30 -18.25
C TYR B 146 11.50 7.91 -19.54
N GLU B 147 10.73 8.83 -20.11
CA GLU B 147 11.15 9.51 -21.33
C GLU B 147 12.37 10.39 -21.07
N LEU B 148 12.49 10.95 -19.86
CA LEU B 148 13.68 11.73 -19.52
C LEU B 148 14.87 10.87 -19.09
N ASN B 149 14.72 9.55 -19.15
CA ASN B 149 15.69 8.58 -18.61
C ASN B 149 16.26 8.90 -17.22
N ILE B 150 15.35 9.24 -16.32
CA ILE B 150 15.74 9.47 -14.94
C ILE B 150 15.37 8.21 -14.19
N PRO B 151 16.29 7.63 -13.40
CA PRO B 151 15.97 6.46 -12.59
C PRO B 151 14.87 6.78 -11.59
N THR B 152 14.01 5.81 -11.28
CA THR B 152 12.82 6.06 -10.47
C THR B 152 12.73 5.07 -9.32
N ILE B 153 12.08 5.51 -8.24
CA ILE B 153 11.82 4.65 -7.09
C ILE B 153 10.36 4.88 -6.74
N LEU B 154 9.61 3.79 -6.59
CA LEU B 154 8.26 3.90 -6.04
C LEU B 154 8.31 3.56 -4.55
N ASP B 155 7.95 4.56 -3.75
CA ASP B 155 7.96 4.39 -2.32
C ASP B 155 6.58 3.95 -1.88
N MET B 156 6.47 2.67 -1.51
CA MET B 156 5.18 2.12 -1.11
C MET B 156 5.28 1.25 0.15
N LYS B 157 6.51 0.91 0.56
CA LYS B 157 6.82 0.10 1.73
C LYS B 157 5.93 -1.16 1.82
N ILE B 158 5.90 -1.85 0.69
CA ILE B 158 4.99 -2.98 0.49
C ILE B 158 5.37 -4.17 1.36
N ASN B 159 4.33 -4.91 1.77
CA ASN B 159 4.57 -6.18 2.45
C ASN B 159 3.30 -7.04 2.34
N ASP B 160 3.47 -8.28 1.89
CA ASP B 160 2.38 -9.27 1.92
C ASP B 160 2.94 -10.67 1.69
N ILE B 161 2.06 -11.65 1.53
CA ILE B 161 2.50 -13.04 1.30
C ILE B 161 2.88 -13.09 -0.18
N GLY B 162 3.54 -14.15 -0.62
CA GLY B 162 4.02 -14.18 -2.01
C GLY B 162 2.98 -14.02 -3.11
N ASN B 163 1.86 -14.72 -3.03
CA ASN B 163 0.86 -14.70 -4.11
C ASN B 163 0.28 -13.30 -4.30
N THR B 164 0.15 -12.58 -3.20
CA THR B 164 -0.36 -11.22 -3.24
C THR B 164 0.64 -10.21 -3.78
N VAL B 165 1.88 -10.28 -3.32
CA VAL B 165 2.85 -9.24 -3.68
C VAL B 165 3.22 -9.28 -5.16
N LYS B 166 2.98 -10.42 -5.81
CA LYS B 166 3.12 -10.49 -7.27
C LYS B 166 2.32 -9.40 -8.00
N ASN B 167 1.17 -9.01 -7.43
CA ASN B 167 0.36 -7.89 -7.97
C ASN B 167 1.07 -6.54 -7.89
N TYR B 168 1.81 -6.36 -6.79
CA TYR B 168 2.67 -5.19 -6.67
C TYR B 168 3.87 -5.20 -7.64
N ARG B 169 4.47 -6.36 -7.86
CA ARG B 169 5.51 -6.50 -8.86
C ARG B 169 4.98 -6.05 -10.22
N LYS B 170 3.80 -6.55 -10.59
CA LYS B 170 3.21 -6.15 -11.85
C LYS B 170 2.90 -4.65 -11.92
N PHE B 171 2.29 -4.10 -10.88
CA PHE B 171 1.97 -2.66 -10.88
C PHE B 171 3.21 -1.78 -10.99
N ILE B 172 4.19 -2.11 -10.14
CA ILE B 172 5.36 -1.28 -9.98
C ILE B 172 6.30 -1.42 -11.19
N PHE B 173 6.60 -2.66 -11.53
CA PHE B 173 7.64 -2.94 -12.52
C PHE B 173 7.15 -3.19 -13.93
N GLU B 174 5.93 -3.69 -14.09
CA GLU B 174 5.34 -3.76 -15.45
C GLU B 174 4.46 -2.57 -15.86
N TYR B 175 3.52 -2.15 -15.02
CA TYR B 175 2.61 -1.04 -15.34
C TYR B 175 3.30 0.34 -15.25
N LEU B 176 3.90 0.66 -14.11
CA LEU B 176 4.64 1.92 -14.00
C LEU B 176 6.02 1.90 -14.68
N LYS B 177 6.61 0.72 -14.83
CA LYS B 177 7.98 0.59 -15.32
C LYS B 177 8.97 1.35 -14.44
N SER B 178 8.72 1.28 -13.13
CA SER B 178 9.64 1.82 -12.14
C SER B 178 10.94 1.05 -12.12
N ASP B 179 12.05 1.71 -11.76
CA ASP B 179 13.32 0.98 -11.57
C ASP B 179 13.39 0.22 -10.24
N SER B 180 12.72 0.72 -9.21
CA SER B 180 12.84 0.10 -7.90
C SER B 180 11.66 0.45 -7.01
N CYS B 181 11.63 -0.16 -5.82
CA CYS B 181 10.59 0.18 -4.86
C CYS B 181 11.13 0.03 -3.45
N THR B 182 10.33 0.44 -2.46
CA THR B 182 10.64 0.18 -1.06
C THR B 182 9.76 -0.94 -0.55
N VAL B 183 10.29 -1.76 0.35
CA VAL B 183 9.63 -2.97 0.82
C VAL B 183 9.86 -3.07 2.32
N ASN B 184 8.86 -3.56 3.05
CA ASN B 184 9.05 -3.85 4.47
C ASN B 184 9.07 -5.37 4.61
N ILE B 185 10.20 -5.95 5.03
CA ILE B 185 10.30 -7.43 5.10
C ILE B 185 10.01 -8.01 6.49
N TYR B 186 9.43 -7.23 7.40
CA TYR B 186 9.07 -7.77 8.70
C TYR B 186 8.20 -9.03 8.61
N MET B 187 7.31 -9.13 7.62
CA MET B 187 6.50 -10.35 7.45
C MET B 187 7.33 -11.58 7.10
N GLY B 188 8.43 -11.35 6.38
CA GLY B 188 9.43 -12.37 6.09
C GLY B 188 10.20 -11.97 4.85
N THR B 189 11.35 -12.58 4.65
CA THR B 189 12.28 -12.19 3.59
C THR B 189 11.93 -12.89 2.26
N ASN B 190 11.17 -13.98 2.33
CA ASN B 190 10.85 -14.74 1.12
C ASN B 190 9.89 -13.99 0.17
N MET B 191 9.18 -13.00 0.71
CA MET B 191 8.41 -12.10 -0.17
C MET B 191 9.24 -11.49 -1.30
N LEU B 192 10.52 -11.26 -1.04
CA LEU B 192 11.39 -10.69 -2.08
C LEU B 192 11.54 -11.54 -3.31
N LYS B 193 11.31 -12.85 -3.20
CA LYS B 193 11.41 -13.70 -4.39
C LYS B 193 10.28 -13.39 -5.38
N ASP B 194 9.18 -12.81 -4.90
CA ASP B 194 8.05 -12.46 -5.76
C ASP B 194 7.94 -10.96 -6.01
N ILE B 195 8.92 -10.20 -5.58
CA ILE B 195 8.98 -8.76 -5.84
C ILE B 195 10.16 -8.44 -6.77
N CYS B 196 11.33 -8.97 -6.41
CA CYS B 196 12.58 -8.68 -7.14
C CYS B 196 12.87 -9.69 -8.23
N TYR B 197 12.01 -10.69 -8.42
CA TYR B 197 12.31 -11.72 -9.41
C TYR B 197 11.02 -12.20 -10.04
N ASP B 198 11.04 -12.33 -11.36
CA ASP B 198 9.90 -12.90 -12.06
C ASP B 198 10.43 -14.13 -12.81
N GLU B 199 10.23 -15.31 -12.24
CA GLU B 199 10.74 -16.56 -12.79
C GLU B 199 10.24 -16.83 -14.21
N GLU B 200 8.92 -16.71 -14.42
CA GLU B 200 8.25 -16.87 -15.72
C GLU B 200 8.97 -16.10 -16.85
N LYS B 201 9.32 -14.86 -16.55
CA LYS B 201 9.83 -13.96 -17.57
C LYS B 201 11.35 -13.80 -17.49
N ASN B 202 12.00 -14.47 -16.55
CA ASN B 202 13.42 -14.22 -16.24
C ASN B 202 13.73 -12.72 -16.10
N LYS B 203 12.93 -12.02 -15.29
CA LYS B 203 13.20 -10.61 -15.01
C LYS B 203 13.59 -10.37 -13.55
N TYR B 204 14.51 -9.43 -13.32
CA TYR B 204 15.09 -9.11 -12.03
C TYR B 204 14.84 -7.64 -11.77
N TYR B 205 14.49 -7.28 -10.54
CA TYR B 205 14.20 -5.90 -10.14
C TYR B 205 14.85 -5.54 -8.81
N SER B 206 15.02 -4.24 -8.57
CA SER B 206 15.73 -3.76 -7.40
C SER B 206 14.74 -3.27 -6.35
N ALA B 207 15.13 -3.37 -5.07
CA ALA B 207 14.29 -2.87 -3.97
C ALA B 207 15.16 -2.35 -2.85
N PHE B 208 14.64 -1.38 -2.11
CA PHE B 208 15.27 -0.96 -0.86
C PHE B 208 14.37 -1.47 0.28
N VAL B 209 14.95 -2.18 1.25
CA VAL B 209 14.19 -2.68 2.40
C VAL B 209 14.39 -1.78 3.61
N LEU B 210 13.34 -1.67 4.44
CA LEU B 210 13.41 -0.81 5.63
C LEU B 210 14.33 -1.42 6.66
N VAL B 211 15.30 -0.63 7.13
CA VAL B 211 16.32 -1.11 8.08
C VAL B 211 16.18 -0.22 9.31
N LYS B 212 16.41 1.08 9.13
CA LYS B 212 16.17 2.06 10.20
C LYS B 212 15.37 3.22 9.66
N THR B 213 14.17 3.41 10.22
CA THR B 213 13.24 4.43 9.73
C THR B 213 13.39 5.76 10.49
N THR B 214 12.81 6.82 9.93
CA THR B 214 12.98 8.15 10.49
C THR B 214 11.96 8.51 11.57
N ASN B 215 10.92 7.73 11.73
CA ASN B 215 9.93 8.22 12.68
C ASN B 215 10.44 8.20 14.13
N PRO B 216 9.93 9.12 14.95
CA PRO B 216 10.43 9.38 16.31
C PRO B 216 10.54 8.14 17.21
N ASP B 217 9.62 7.20 17.07
CA ASP B 217 9.60 6.01 17.89
C ASP B 217 10.13 4.76 17.19
N SER B 218 11.01 4.96 16.21
CA SER B 218 11.54 3.86 15.41
C SER B 218 12.39 2.88 16.23
N ALA B 219 12.95 3.31 17.35
CA ALA B 219 13.76 2.43 18.20
C ALA B 219 12.97 1.27 18.83
N ILE B 220 11.67 1.45 19.01
CA ILE B 220 10.84 0.46 19.71
C ILE B 220 11.03 -0.98 19.21
N PHE B 221 10.93 -1.19 17.90
CA PHE B 221 11.12 -2.51 17.35
C PHE B 221 12.47 -2.67 16.66
N GLN B 222 12.99 -1.59 16.08
CA GLN B 222 14.18 -1.68 15.26
C GLN B 222 15.46 -1.74 16.10
N LYS B 223 15.42 -1.16 17.30
CA LYS B 223 16.60 -1.17 18.18
C LYS B 223 16.44 -2.01 19.44
N ASN B 224 15.25 -1.97 20.05
CA ASN B 224 15.02 -2.57 21.36
C ASN B 224 14.78 -4.09 21.27
N LEU B 225 14.42 -4.56 20.08
CA LEU B 225 14.41 -5.98 19.77
C LEU B 225 15.79 -6.40 19.31
N SER B 226 16.21 -7.62 19.67
CA SER B 226 17.50 -8.14 19.26
C SER B 226 17.50 -9.66 19.04
N LEU B 227 18.56 -10.14 18.39
CA LEU B 227 18.91 -11.54 18.20
C LEU B 227 20.43 -11.71 18.29
N ASP B 228 20.89 -12.80 18.90
CA ASP B 228 22.32 -12.98 19.19
C ASP B 228 22.72 -11.74 20.01
N ASN B 229 23.74 -11.00 19.59
CA ASN B 229 23.91 -9.71 20.27
C ASN B 229 23.79 -8.52 19.32
N LYS B 230 22.93 -8.69 18.31
CA LYS B 230 22.71 -7.68 17.27
C LYS B 230 21.28 -7.12 17.37
N GLN B 231 21.16 -5.81 17.25
CA GLN B 231 19.85 -5.17 17.23
C GLN B 231 19.07 -5.57 15.99
N ALA B 232 17.75 -5.46 16.07
CA ALA B 232 16.88 -5.93 14.99
C ALA B 232 17.27 -5.37 13.63
N TYR B 233 17.65 -4.11 13.57
CA TYR B 233 17.93 -3.49 12.26
C TYR B 233 19.07 -4.20 11.56
N VAL B 234 20.05 -4.70 12.31
CA VAL B 234 21.18 -5.42 11.74
C VAL B 234 20.77 -6.78 11.20
N ILE B 235 19.98 -7.51 11.99
CA ILE B 235 19.42 -8.79 11.56
C ILE B 235 18.67 -8.62 10.25
N MET B 236 17.86 -7.57 10.18
CA MET B 236 17.09 -7.29 8.99
C MET B 236 17.94 -6.99 7.76
N ALA B 237 18.92 -6.09 7.87
CA ALA B 237 19.84 -5.82 6.76
C ALA B 237 20.56 -7.08 6.27
N GLN B 238 21.03 -7.93 7.19
N GLN B 238 21.02 -7.91 7.20
CA GLN B 238 21.76 -9.13 6.77
CA GLN B 238 21.74 -9.16 6.87
C GLN B 238 20.85 -10.11 6.03
C GLN B 238 20.85 -10.09 6.06
N GLU B 239 19.65 -10.33 6.57
CA GLU B 239 18.69 -11.22 5.90
C GLU B 239 18.33 -10.74 4.51
N ALA B 240 18.30 -9.43 4.31
CA ALA B 240 17.96 -8.86 3.00
C ALA B 240 19.09 -9.10 1.99
N LEU B 241 20.34 -8.93 2.45
CA LEU B 241 21.50 -9.22 1.60
C LEU B 241 21.68 -10.70 1.24
N ASN B 242 21.38 -11.57 2.19
CA ASN B 242 21.30 -13.00 1.93
C ASN B 242 20.27 -13.34 0.84
N MET B 243 19.15 -12.63 0.83
CA MET B 243 18.12 -12.87 -0.17
C MET B 243 18.62 -12.38 -1.53
N SER B 244 19.31 -11.23 -1.53
CA SER B 244 19.92 -10.72 -2.75
C SER B 244 20.86 -11.74 -3.39
N SER B 245 21.71 -12.35 -2.56
CA SER B 245 22.61 -13.40 -2.99
C SER B 245 21.82 -14.58 -3.54
N TYR B 246 20.89 -15.12 -2.75
CA TYR B 246 19.99 -16.17 -3.22
C TYR B 246 19.41 -15.90 -4.62
N LEU B 247 18.85 -14.71 -4.82
CA LEU B 247 18.25 -14.32 -6.12
C LEU B 247 19.25 -13.98 -7.23
N ASN B 248 20.53 -13.89 -6.89
CA ASN B 248 21.55 -13.50 -7.87
C ASN B 248 21.31 -12.15 -8.49
N LEU B 249 20.86 -11.18 -7.69
CA LEU B 249 20.46 -9.89 -8.23
C LEU B 249 21.63 -9.10 -8.80
N GLU B 250 22.74 -9.12 -8.09
CA GLU B 250 23.87 -8.28 -8.46
C GLU B 250 24.49 -8.74 -9.78
N GLN B 251 24.33 -10.02 -10.09
CA GLN B 251 24.81 -10.59 -11.34
C GLN B 251 23.90 -10.20 -12.50
N ASN B 252 22.67 -9.83 -12.17
CA ASN B 252 21.75 -9.26 -13.15
C ASN B 252 21.65 -7.73 -13.09
N ASN B 253 22.67 -7.13 -12.52
CA ASN B 253 22.73 -5.66 -12.38
C ASN B 253 21.54 -5.06 -11.62
N GLU B 254 21.10 -5.75 -10.58
CA GLU B 254 20.00 -5.25 -9.76
C GLU B 254 20.52 -5.42 -8.35
N PHE B 255 19.83 -4.90 -7.33
CA PHE B 255 20.32 -5.08 -5.98
C PHE B 255 19.18 -4.99 -4.97
N ILE B 256 19.41 -5.47 -3.75
CA ILE B 256 18.60 -5.11 -2.58
C ILE B 256 19.40 -4.17 -1.72
N GLY B 257 18.83 -2.97 -1.49
CA GLY B 257 19.48 -1.94 -0.69
C GLY B 257 18.68 -1.69 0.58
N PHE B 258 19.04 -0.63 1.31
CA PHE B 258 18.53 -0.45 2.67
C PHE B 258 17.92 0.93 2.82
N VAL B 259 16.83 1.07 3.58
CA VAL B 259 16.37 2.40 3.91
C VAL B 259 16.95 2.70 5.29
N VAL B 260 17.83 3.69 5.39
CA VAL B 260 18.39 4.08 6.67
C VAL B 260 18.16 5.58 6.87
N GLY B 261 17.44 5.93 7.94
CA GLY B 261 17.07 7.30 8.24
C GLY B 261 18.24 8.27 8.27
N ALA B 262 18.03 9.47 7.73
CA ALA B 262 19.05 10.51 7.69
C ALA B 262 19.45 10.94 9.11
N ASN B 263 18.53 10.75 10.07
CA ASN B 263 18.70 11.13 11.48
C ASN B 263 19.32 10.05 12.35
N SER B 264 19.66 8.92 11.74
CA SER B 264 20.15 7.73 12.45
C SER B 264 21.64 7.54 12.23
N TYR B 265 22.45 8.42 12.79
CA TYR B 265 23.89 8.45 12.45
C TYR B 265 24.68 7.20 12.86
N ASP B 266 24.41 6.70 14.05
CA ASP B 266 25.04 5.45 14.50
C ASP B 266 24.75 4.27 13.62
N GLU B 267 23.47 4.13 13.25
CA GLU B 267 23.03 3.03 12.39
C GLU B 267 23.65 3.14 11.01
N MET B 268 23.64 4.36 10.48
CA MET B 268 24.24 4.67 9.19
C MET B 268 25.71 4.26 9.18
N ASN B 269 26.42 4.76 10.18
CA ASN B 269 27.80 4.41 10.48
C ASN B 269 28.00 2.90 10.53
N TYR B 270 27.21 2.22 11.36
CA TYR B 270 27.29 0.77 11.47
C TYR B 270 27.09 0.05 10.14
N ILE B 271 26.03 0.44 9.43
CA ILE B 271 25.66 -0.15 8.16
C ILE B 271 26.73 0.06 7.09
N ARG B 272 27.28 1.28 7.00
CA ARG B 272 28.31 1.52 6.00
C ARG B 272 29.61 0.76 6.32
N THR B 273 29.97 0.69 7.60
CA THR B 273 31.16 -0.04 8.04
C THR B 273 31.04 -1.55 7.78
N TYR B 274 29.92 -2.12 8.19
CA TYR B 274 29.75 -3.57 8.16
C TYR B 274 29.20 -4.17 6.87
N PHE B 275 28.48 -3.34 6.10
CA PHE B 275 28.08 -3.70 4.74
C PHE B 275 28.66 -2.67 3.77
N PRO B 276 29.99 -2.74 3.54
CA PRO B 276 30.74 -1.72 2.82
C PRO B 276 30.21 -1.27 1.46
N ASN B 277 29.65 -2.20 0.68
CA ASN B 277 29.26 -1.88 -0.68
C ASN B 277 27.74 -1.86 -0.92
N CYS B 278 26.99 -1.74 0.17
CA CYS B 278 25.53 -1.72 0.13
C CYS B 278 25.00 -0.39 -0.40
N TYR B 279 23.85 -0.45 -1.06
CA TYR B 279 23.08 0.70 -1.50
C TYR B 279 22.13 1.20 -0.40
N ILE B 280 22.28 2.47 -0.06
CA ILE B 280 21.46 3.05 0.99
C ILE B 280 20.58 4.17 0.45
N LEU B 281 19.31 4.17 0.83
CA LEU B 281 18.44 5.28 0.51
C LEU B 281 18.15 5.95 1.83
N SER B 282 18.43 7.25 1.91
CA SER B 282 18.30 7.96 3.17
C SER B 282 17.31 9.16 3.15
N PRO B 283 16.07 8.94 3.61
CA PRO B 283 15.10 10.04 3.76
C PRO B 283 15.26 10.70 5.15
N GLY B 284 14.71 11.89 5.30
CA GLY B 284 14.64 12.55 6.61
C GLY B 284 15.38 13.88 6.74
N ILE B 285 16.08 14.31 5.70
CA ILE B 285 16.63 15.68 5.63
C ILE B 285 15.56 16.69 5.17
N GLY B 286 15.58 17.89 5.76
CA GLY B 286 14.63 18.95 5.39
C GLY B 286 13.44 18.98 6.34
N ALA B 287 12.29 18.46 5.89
CA ALA B 287 11.07 18.43 6.70
C ALA B 287 11.23 17.70 8.03
N GLN B 288 11.98 16.60 8.05
CA GLN B 288 12.16 15.85 9.29
C GLN B 288 13.47 16.19 10.01
N ASN B 289 14.14 17.26 9.58
CA ASN B 289 15.22 17.80 10.42
C ASN B 289 16.58 17.08 10.43
N GLY B 290 16.75 15.96 9.71
CA GLY B 290 18.02 15.24 9.71
C GLY B 290 19.18 16.18 9.41
N ASP B 291 20.42 15.73 9.61
CA ASP B 291 21.60 16.60 9.37
C ASP B 291 22.41 16.16 8.15
N LEU B 292 22.30 16.92 7.05
CA LEU B 292 22.88 16.51 5.78
C LEU B 292 24.36 16.14 5.87
N HIS B 293 25.17 17.02 6.46
CA HIS B 293 26.60 16.78 6.60
C HIS B 293 26.94 15.50 7.37
N LYS B 294 26.28 15.23 8.50
CA LYS B 294 26.52 13.98 9.21
C LYS B 294 26.03 12.75 8.45
N THR B 295 24.83 12.84 7.90
CA THR B 295 24.29 11.72 7.13
C THR B 295 25.23 11.33 6.01
N LEU B 296 25.65 12.31 5.22
CA LEU B 296 26.46 12.00 4.04
C LEU B 296 27.85 11.48 4.42
N THR B 297 28.42 12.00 5.50
CA THR B 297 29.71 11.56 5.99
C THR B 297 29.63 10.14 6.52
N ASN B 298 28.60 9.87 7.33
CA ASN B 298 28.43 8.56 7.93
C ASN B 298 28.08 7.47 6.91
N GLY B 299 27.40 7.86 5.83
CA GLY B 299 26.92 6.90 4.83
C GLY B 299 27.71 6.86 3.55
N TYR B 300 28.78 7.66 3.51
CA TYR B 300 29.60 7.88 2.32
C TYR B 300 30.19 6.65 1.66
N HIS B 301 30.17 6.66 0.33
CA HIS B 301 30.89 5.71 -0.50
C HIS B 301 31.31 6.44 -1.78
N LYS B 302 32.47 6.10 -2.34
CA LYS B 302 32.99 6.82 -3.50
C LYS B 302 32.10 6.65 -4.74
N SER B 303 31.43 5.51 -4.80
CA SER B 303 30.34 5.31 -5.75
C SER B 303 29.12 5.87 -5.05
N TYR B 304 28.98 7.19 -5.04
CA TYR B 304 28.00 7.79 -4.14
C TYR B 304 26.53 7.58 -4.50
N GLU B 305 26.28 6.88 -5.61
CA GLU B 305 24.93 6.39 -5.88
C GLU B 305 24.49 5.36 -4.83
N LYS B 306 25.46 4.89 -4.04
CA LYS B 306 25.23 3.97 -2.93
C LYS B 306 24.77 4.68 -1.67
N ILE B 307 24.68 6.01 -1.71
CA ILE B 307 24.07 6.77 -0.62
C ILE B 307 23.13 7.83 -1.18
N LEU B 308 21.90 7.41 -1.49
CA LEU B 308 20.91 8.36 -2.03
C LEU B 308 20.33 9.21 -0.89
N ILE B 309 20.47 10.52 -1.02
CA ILE B 309 19.89 11.45 -0.03
C ILE B 309 18.55 11.92 -0.57
N ASN B 310 17.45 11.52 0.07
CA ASN B 310 16.11 11.86 -0.42
C ASN B 310 15.66 13.17 0.20
N ILE B 311 15.17 14.08 -0.63
CA ILE B 311 14.57 15.30 -0.16
C ILE B 311 13.26 15.48 -0.90
N GLY B 312 12.17 15.49 -0.14
CA GLY B 312 10.82 15.70 -0.68
C GLY B 312 10.28 17.09 -0.38
N ARG B 313 9.65 17.23 0.78
CA ARG B 313 8.98 18.48 1.13
C ARG B 313 9.90 19.70 1.13
N ALA B 314 11.16 19.57 1.54
CA ALA B 314 12.10 20.71 1.51
C ALA B 314 12.33 21.29 0.11
N ILE B 315 12.00 20.51 -0.91
CA ILE B 315 11.96 21.00 -2.29
C ILE B 315 10.53 21.30 -2.74
N THR B 316 9.61 20.33 -2.68
CA THR B 316 8.25 20.58 -3.19
C THR B 316 7.39 21.62 -2.48
N LYS B 317 7.63 21.86 -1.19
CA LYS B 317 6.95 22.91 -0.43
C LYS B 317 7.74 24.22 -0.37
N ASN B 318 8.85 24.25 -1.07
CA ASN B 318 9.58 25.50 -1.23
C ASN B 318 8.91 26.29 -2.38
N PRO B 319 8.63 27.58 -2.14
CA PRO B 319 8.04 28.35 -3.22
C PRO B 319 9.02 28.58 -4.37
N TYR B 320 10.31 28.28 -4.16
CA TYR B 320 11.35 28.41 -5.19
C TYR B 320 12.05 27.06 -5.39
N PRO B 321 11.30 26.08 -5.95
CA PRO B 321 11.79 24.69 -5.94
C PRO B 321 13.05 24.43 -6.77
N GLN B 322 13.24 25.12 -7.89
CA GLN B 322 14.49 24.99 -8.66
C GLN B 322 15.67 25.44 -7.80
N LYS B 323 15.57 26.58 -7.14
CA LYS B 323 16.66 27.06 -6.27
C LYS B 323 16.96 26.13 -5.10
N ALA B 324 15.91 25.58 -4.52
CA ALA B 324 16.00 24.62 -3.42
C ALA B 324 16.74 23.34 -3.84
N ALA B 325 16.38 22.78 -4.99
CA ALA B 325 17.11 21.62 -5.52
C ALA B 325 18.58 21.94 -5.79
N GLN B 326 18.82 23.07 -6.44
CA GLN B 326 20.18 23.55 -6.71
C GLN B 326 21.03 23.62 -5.45
N MET B 327 20.45 24.12 -4.37
CA MET B 327 21.23 24.27 -3.15
C MET B 327 21.55 22.95 -2.48
N TYR B 328 20.60 22.02 -2.48
CA TYR B 328 20.93 20.67 -2.01
C TYR B 328 21.99 20.00 -2.87
N TYR B 329 21.83 20.10 -4.18
CA TYR B 329 22.83 19.58 -5.13
C TYR B 329 24.21 20.16 -4.76
N ASP B 330 24.30 21.48 -4.67
CA ASP B 330 25.56 22.18 -4.42
C ASP B 330 26.23 21.73 -3.11
N GLN B 331 25.45 21.70 -2.04
N GLN B 331 25.45 21.72 -2.04
CA GLN B 331 25.96 21.34 -0.72
CA GLN B 331 25.91 21.35 -0.70
C GLN B 331 26.31 19.86 -0.60
C GLN B 331 26.28 19.87 -0.56
N ILE B 332 25.49 19.00 -1.18
CA ILE B 332 25.85 17.59 -1.32
C ILE B 332 27.21 17.47 -2.05
N ASN B 333 27.38 18.22 -3.13
CA ASN B 333 28.62 18.12 -3.89
C ASN B 333 29.83 18.66 -3.11
N ALA B 334 29.68 19.78 -2.40
CA ALA B 334 30.71 20.30 -1.51
C ALA B 334 31.07 19.33 -0.38
N ILE B 335 30.06 18.68 0.19
CA ILE B 335 30.30 17.64 1.19
C ILE B 335 30.96 16.40 0.60
N LEU B 336 30.54 15.99 -0.59
CA LEU B 336 31.16 14.84 -1.25
C LEU B 336 32.63 15.14 -1.56
N LYS B 337 32.91 16.37 -1.97
CA LYS B 337 34.28 16.78 -2.30
C LYS B 337 35.16 16.65 -1.06
N GLN B 338 34.68 17.17 0.07
CA GLN B 338 35.33 17.04 1.37
C GLN B 338 35.64 15.59 1.76
N ASN B 339 34.71 14.67 1.52
CA ASN B 339 34.94 13.26 1.81
C ASN B 339 35.90 12.55 0.84
N MET B 340 36.20 13.23 -0.27
CA MET B 340 37.24 12.87 -1.25
C MET B 340 36.69 12.21 -2.50
N1 U5P C . -2.68 -12.08 4.23
C2 U5P C . -2.39 -13.35 4.47
N3 U5P C . -1.57 -13.72 5.50
C4 U5P C . -1.06 -12.80 6.36
C5 U5P C . -1.35 -11.46 6.13
C6 U5P C . -2.16 -11.15 5.04
O2 U5P C . -2.80 -14.26 3.71
O4 U5P C . -0.37 -13.11 7.36
C1' U5P C . -3.59 -11.67 3.13
C2' U5P C . -3.31 -12.08 1.69
O2' U5P C . -2.70 -10.96 1.03
C3' U5P C . -4.71 -12.37 1.13
C4' U5P C . -5.45 -12.94 2.34
O3' U5P C . -5.36 -11.10 0.91
O4' U5P C . -4.80 -12.37 3.48
C5' U5P C . -5.49 -14.48 2.36
O5' U5P C . -6.35 -14.94 1.33
P U5P C . -6.44 -16.46 0.80
O1P U5P C . -6.80 -16.27 -0.64
O2P U5P C . -5.14 -17.18 1.07
O3P U5P C . -7.54 -17.03 1.64
S SO4 D . 6.49 -15.92 -11.15
O1 SO4 D . 7.62 -15.22 -10.54
O2 SO4 D . 6.29 -17.17 -10.44
O3 SO4 D . 5.28 -15.08 -11.04
O4 SO4 D . 6.73 -16.19 -12.56
N1 U5P E . 9.79 7.67 4.49
C2 U5P E . 10.39 8.38 5.46
N3 U5P E . 11.10 7.78 6.43
C4 U5P E . 11.24 6.46 6.40
C5 U5P E . 10.62 5.65 5.46
C6 U5P E . 9.89 6.33 4.49
O2 U5P E . 10.29 9.62 5.54
O4 U5P E . 11.91 5.92 7.28
C1' U5P E . 9.09 8.39 3.41
C2' U5P E . 7.97 9.37 3.64
O2' U5P E . 6.82 8.53 3.39
C3' U5P E . 8.22 10.32 2.49
C4' U5P E . 9.73 10.42 2.35
O3' U5P E . 7.79 9.73 1.24
O4' U5P E . 10.15 9.10 2.77
C5' U5P E . 10.29 11.56 3.21
O5' U5P E . 10.02 12.78 2.52
P U5P E . 10.25 14.25 3.15
O1P U5P E . 9.11 15.04 2.57
O2P U5P E . 10.17 14.17 4.64
O3P U5P E . 11.60 14.71 2.64
#